data_4DDW
#
_entry.id   4DDW
#
_cell.length_a   174.325
_cell.length_b   175.646
_cell.length_c   104.135
_cell.angle_alpha   90.00
_cell.angle_beta   90.00
_cell.angle_gamma   90.00
#
_symmetry.space_group_name_H-M   'C 2 2 21'
#
loop_
_entity.id
_entity.type
_entity.pdbx_description
1 polymer 'Reverse gyrase'
2 non-polymer 'ZINC ION'
3 non-polymer 'PYROPHOSPHATE 2-'
4 non-polymer 'MAGNESIUM ION'
#
_entity_poly.entity_id   1
_entity_poly.type   'polypeptide(L)'
_entity_poly.pdbx_seq_one_letter_code
;MAVNSKYHHSCINCGGLNTDERNERGLPCEVCLPEDSPSDIYRALLERKTLKEYRFYHEFWNEYEDFRSFFKKKFGKDLT
GYQRLWAKRIVQGKSFTMVAPTGVGKTTFGMMTALWLARKGKKSALVFPTVTLVKQTLERLQKLADEKVKIFGFYSSMKK
EEKEKFEKSFEEDDYHILVFSTQFVSKNREKLSQKRFDFVFVDDVDAVLKASRNIDTLLMMVGIPEEIIRKAFSTIKQGK
IYERPKNLKPGILVVSSATAKPRGIRPLLFRDLLNFTVGRLVSVARNITHVRISSRSKEKLVELLEIFRDGILIFAQTEE
EGKELYEYLKRFKFNVGETWSEFEKNFEDFKVGKINILIGVQAYYGKLTRGVDLPERIKYVIFWGTPSMRFSLELDKAPR
FVLARVLKEMGLIKAQENPDVEELRKIAKEHLTQKEFVEKVKEMFRGVVVKDEDLELIIPDVYTYIQASGRSSRILNGVL
VKGVSVIFEEDEEIFESLKTRLLLIAEEEIIEEAEANWKELVHEVEESRRRSERELTDTSRSLLIIVESPTKAETLSRFL
GRASSRKERNIIVHEAVTGEGVILFTATRGHVYDLVTKGGIHGVEEENGKFVPVYNSLKRCRDCGYQFTEDRDECPVCSS
KNIDDKTETLRALREISLEADEILVATDPDVEGEKISWDVTQYLLPSTRSLRRIEMHEITRYGFKKARESVRFVDFNLVK
AQIVRRVQDRWIGFELSGKLQKRFGRSNLSAGRVQSTVLGWIVEREEEYKKSEKDFTLLVLENGVNLEVEGKIADDVVTV
VELQEAEEEKNPLPPYTTSSALSEISQKLRLGVQEVMDILQDLFEKGFITYHRTDSTRISLEGQNVARTYLRKIGKEDIF
MGRSWSTEGAHEAIRPVKPIDARELEEMIEEGLIADLTKKHLRVYELIFNRFLASQSAAVKVKKQIVTVDVDGKRMGIEQ
IVEILRDGWNLFVPLTVSPRFEHRTYKIKEKKFYKKHTVPLFTQASIVEEMKKRGIGRPSTYAKIVEVLFRRGYVYEDKY
KRVRPTRFGVMVYSYLKERYEKYVTEETTRRLEEIMDKVERGEEDYQATLRLLYEEIKSLMEEG
;
_entity_poly.pdbx_strand_id   A
#
# COMPACT_ATOMS: atom_id res chain seq x y z
N ALA A 2 -26.28 -9.32 12.31
CA ALA A 2 -26.96 -8.52 11.29
C ALA A 2 -27.31 -7.11 11.81
N VAL A 3 -26.80 -6.07 11.17
CA VAL A 3 -27.22 -4.72 11.53
C VAL A 3 -28.52 -4.36 10.83
N ASN A 4 -29.54 -4.08 11.63
CA ASN A 4 -30.90 -3.83 11.11
C ASN A 4 -30.95 -2.72 10.09
N SER A 5 -30.69 -3.07 8.84
CA SER A 5 -30.60 -2.09 7.75
C SER A 5 -31.02 -2.66 6.41
N LYS A 6 -31.25 -1.77 5.43
CA LYS A 6 -31.64 -2.15 4.08
C LYS A 6 -30.68 -1.61 3.03
N TYR A 7 -30.42 -2.40 1.99
CA TYR A 7 -29.50 -1.99 0.94
C TYR A 7 -30.20 -2.01 -0.43
N HIS A 8 -30.05 -0.92 -1.17
CA HIS A 8 -30.85 -0.66 -2.37
C HIS A 8 -30.69 -1.65 -3.53
N HIS A 9 -29.47 -2.14 -3.74
CA HIS A 9 -29.21 -3.03 -4.86
C HIS A 9 -28.48 -4.30 -4.43
N SER A 10 -28.99 -4.96 -3.39
CA SER A 10 -28.27 -6.07 -2.77
C SER A 10 -28.75 -7.47 -3.18
N CYS A 11 -30.02 -7.59 -3.55
CA CYS A 11 -30.62 -8.89 -3.88
C CYS A 11 -29.84 -9.64 -4.95
N ILE A 12 -29.60 -10.92 -4.70
CA ILE A 12 -28.79 -11.75 -5.58
C ILE A 12 -29.54 -12.15 -6.86
N ASN A 13 -30.87 -12.15 -6.79
CA ASN A 13 -31.68 -12.67 -7.89
C ASN A 13 -32.47 -11.63 -8.68
N CYS A 14 -32.96 -10.59 -8.02
CA CYS A 14 -33.75 -9.58 -8.72
C CYS A 14 -32.99 -8.26 -8.86
N GLY A 15 -31.89 -8.12 -8.11
CA GLY A 15 -31.06 -6.95 -8.20
C GLY A 15 -31.64 -5.72 -7.50
N GLY A 16 -32.90 -5.84 -7.07
CA GLY A 16 -33.57 -4.73 -6.41
C GLY A 16 -33.14 -4.56 -4.97
N LEU A 17 -34.08 -4.15 -4.12
CA LEU A 17 -33.77 -3.87 -2.72
C LEU A 17 -34.00 -5.09 -1.84
N ASN A 18 -33.00 -5.39 -1.00
CA ASN A 18 -33.10 -6.47 -0.04
C ASN A 18 -32.55 -6.03 1.31
N THR A 19 -32.91 -6.75 2.37
CA THR A 19 -32.48 -6.40 3.72
C THR A 19 -31.08 -6.93 4.04
N ASP A 20 -30.62 -6.64 5.25
CA ASP A 20 -29.27 -7.01 5.66
C ASP A 20 -29.13 -8.51 5.99
N GLU A 21 -29.99 -8.98 6.88
CA GLU A 21 -29.91 -10.35 7.38
C GLU A 21 -30.06 -11.41 6.28
N ARG A 22 -30.98 -11.16 5.35
CA ARG A 22 -31.22 -12.10 4.26
C ARG A 22 -29.98 -12.26 3.37
N ASN A 23 -29.29 -11.15 3.10
CA ASN A 23 -28.05 -11.20 2.36
C ASN A 23 -26.92 -11.78 3.20
N GLU A 24 -27.02 -11.62 4.52
CA GLU A 24 -26.04 -12.17 5.44
C GLU A 24 -26.08 -13.69 5.38
N ARG A 25 -27.29 -14.24 5.35
CA ARG A 25 -27.46 -15.67 5.18
C ARG A 25 -27.12 -16.09 3.75
N GLY A 26 -27.84 -15.54 2.79
CA GLY A 26 -27.61 -15.83 1.39
C GLY A 26 -28.89 -15.88 0.59
N LEU A 27 -29.98 -15.43 1.22
CA LEU A 27 -31.30 -15.47 0.60
C LEU A 27 -31.62 -14.17 -0.14
N PRO A 28 -32.38 -14.28 -1.23
CA PRO A 28 -32.91 -13.11 -1.95
C PRO A 28 -33.93 -12.36 -1.10
N CYS A 29 -34.57 -11.35 -1.66
CA CYS A 29 -35.51 -10.52 -0.92
C CYS A 29 -36.83 -11.26 -0.64
N GLU A 30 -37.75 -10.56 0.00
CA GLU A 30 -39.06 -11.12 0.34
C GLU A 30 -39.99 -11.08 -0.85
N VAL A 31 -39.60 -10.32 -1.87
CA VAL A 31 -40.37 -10.23 -3.11
C VAL A 31 -40.14 -11.48 -3.95
N CYS A 32 -38.89 -11.93 -4.00
CA CYS A 32 -38.52 -13.13 -4.73
C CYS A 32 -38.87 -14.40 -3.96
N LEU A 33 -38.72 -14.32 -2.63
CA LEU A 33 -38.85 -15.52 -1.80
C LEU A 33 -39.32 -15.22 -0.37
N PRO A 34 -40.63 -15.37 -0.13
CA PRO A 34 -41.22 -15.20 1.21
C PRO A 34 -40.85 -16.32 2.17
N GLU A 35 -40.23 -17.39 1.65
CA GLU A 35 -39.82 -18.51 2.49
C GLU A 35 -38.57 -18.14 3.28
N ASP A 36 -38.62 -18.38 4.59
CA ASP A 36 -37.53 -17.97 5.47
C ASP A 36 -36.39 -19.00 5.51
N SER A 37 -36.75 -20.28 5.55
CA SER A 37 -35.75 -21.34 5.54
C SER A 37 -36.05 -22.39 4.48
N PRO A 38 -35.78 -22.08 3.21
CA PRO A 38 -36.06 -22.99 2.11
C PRO A 38 -35.00 -24.08 1.98
N SER A 39 -35.34 -25.18 1.31
CA SER A 39 -34.40 -26.26 1.10
C SER A 39 -33.32 -25.85 0.12
N ASP A 40 -33.75 -25.25 -0.99
CA ASP A 40 -32.83 -24.78 -2.01
C ASP A 40 -33.33 -23.46 -2.58
N ILE A 41 -32.42 -22.50 -2.76
CA ILE A 41 -32.77 -21.21 -3.30
C ILE A 41 -33.21 -21.33 -4.75
N TYR A 42 -32.44 -22.08 -5.53
CA TYR A 42 -32.72 -22.28 -6.95
C TYR A 42 -34.08 -22.93 -7.19
N ARG A 43 -34.37 -23.98 -6.43
CA ARG A 43 -35.62 -24.71 -6.59
C ARG A 43 -36.83 -23.90 -6.12
N ALA A 44 -36.67 -23.20 -5.00
CA ALA A 44 -37.75 -22.40 -4.44
C ALA A 44 -38.06 -21.19 -5.32
N LEU A 45 -37.02 -20.62 -5.94
CA LEU A 45 -37.21 -19.52 -6.88
C LEU A 45 -37.76 -20.03 -8.20
N LEU A 46 -37.48 -21.29 -8.51
CA LEU A 46 -38.02 -21.92 -9.70
C LEU A 46 -39.52 -22.14 -9.56
N GLU A 47 -39.95 -22.47 -8.35
CA GLU A 47 -41.34 -22.79 -8.09
C GLU A 47 -42.21 -21.55 -7.93
N ARG A 48 -41.57 -20.40 -7.80
CA ARG A 48 -42.28 -19.14 -7.66
C ARG A 48 -42.26 -18.34 -8.97
N LYS A 49 -41.61 -18.91 -9.97
CA LYS A 49 -41.51 -18.29 -11.29
C LYS A 49 -40.88 -16.91 -11.23
N THR A 50 -39.97 -16.72 -10.28
CA THR A 50 -39.30 -15.44 -10.09
C THR A 50 -37.79 -15.58 -10.25
N LEU A 51 -37.35 -16.75 -10.70
CA LEU A 51 -35.95 -17.01 -10.96
C LEU A 51 -35.46 -16.11 -12.10
N LYS A 52 -34.66 -15.11 -11.76
CA LYS A 52 -34.24 -14.12 -12.74
C LYS A 52 -32.73 -14.13 -12.99
N GLU A 53 -31.94 -14.11 -11.92
CA GLU A 53 -30.49 -13.95 -12.06
C GLU A 53 -29.69 -15.01 -11.29
N TYR A 54 -30.36 -15.73 -10.38
CA TYR A 54 -29.69 -16.78 -9.61
C TYR A 54 -29.35 -17.97 -10.51
N ARG A 55 -30.05 -18.04 -11.63
CA ARG A 55 -29.83 -19.05 -12.65
C ARG A 55 -28.37 -19.05 -13.11
N PHE A 56 -27.82 -17.85 -13.26
CA PHE A 56 -26.42 -17.69 -13.66
C PHE A 56 -25.47 -18.36 -12.68
N TYR A 57 -25.72 -18.16 -11.39
CA TYR A 57 -24.87 -18.74 -10.36
C TYR A 57 -25.02 -20.26 -10.29
N HIS A 58 -26.26 -20.72 -10.30
CA HIS A 58 -26.54 -22.15 -10.24
C HIS A 58 -25.89 -22.89 -11.40
N GLU A 59 -26.08 -22.38 -12.61
CA GLU A 59 -25.48 -22.98 -13.79
C GLU A 59 -23.97 -22.76 -13.85
N PHE A 60 -23.49 -21.73 -13.15
CA PHE A 60 -22.06 -21.49 -13.02
C PHE A 60 -21.43 -22.64 -12.25
N TRP A 61 -21.96 -22.90 -11.05
CA TRP A 61 -21.45 -24.00 -10.24
C TRP A 61 -21.66 -25.34 -10.93
N ASN A 62 -22.78 -25.47 -11.65
CA ASN A 62 -23.05 -26.68 -12.42
C ASN A 62 -21.97 -26.96 -13.45
N GLU A 63 -21.80 -26.01 -14.38
CA GLU A 63 -20.84 -26.15 -15.47
C GLU A 63 -19.41 -26.29 -14.95
N TYR A 64 -19.10 -25.56 -13.87
CA TYR A 64 -17.78 -25.67 -13.25
C TYR A 64 -17.55 -27.07 -12.71
N GLU A 65 -18.48 -27.58 -11.90
CA GLU A 65 -18.34 -28.90 -11.33
C GLU A 65 -18.25 -29.98 -12.41
N ASP A 66 -18.93 -29.73 -13.52
CA ASP A 66 -18.83 -30.61 -14.68
C ASP A 66 -17.41 -30.60 -15.23
N PHE A 67 -16.85 -29.40 -15.38
CA PHE A 67 -15.48 -29.22 -15.83
C PHE A 67 -14.50 -29.95 -14.91
N ARG A 68 -14.73 -29.80 -13.60
CA ARG A 68 -13.86 -30.36 -12.58
C ARG A 68 -13.89 -31.88 -12.62
N SER A 69 -15.09 -32.43 -12.75
CA SER A 69 -15.25 -33.88 -12.84
C SER A 69 -14.57 -34.40 -14.10
N PHE A 70 -14.75 -33.67 -15.21
CA PHE A 70 -14.14 -34.03 -16.48
C PHE A 70 -12.62 -34.09 -16.38
N PHE A 71 -12.02 -33.03 -15.86
CA PHE A 71 -10.57 -32.96 -15.70
C PHE A 71 -10.08 -34.01 -14.71
N LYS A 72 -10.91 -34.31 -13.72
CA LYS A 72 -10.55 -35.30 -12.71
C LYS A 72 -10.63 -36.72 -13.27
N LYS A 73 -11.37 -36.88 -14.36
CA LYS A 73 -11.49 -38.19 -14.99
C LYS A 73 -10.45 -38.41 -16.08
N LYS A 74 -10.27 -37.41 -16.95
CA LYS A 74 -9.27 -37.49 -18.00
C LYS A 74 -7.85 -37.50 -17.44
N PHE A 75 -7.51 -36.45 -16.69
CA PHE A 75 -6.20 -36.36 -16.05
C PHE A 75 -6.21 -37.19 -14.78
N GLY A 76 -5.03 -37.45 -14.22
CA GLY A 76 -4.89 -38.24 -13.02
C GLY A 76 -5.63 -37.67 -11.82
N LYS A 77 -5.20 -36.49 -11.36
CA LYS A 77 -5.82 -35.88 -10.19
C LYS A 77 -6.73 -34.71 -10.56
N ASP A 78 -7.13 -33.95 -9.54
CA ASP A 78 -8.06 -32.84 -9.72
C ASP A 78 -7.31 -31.55 -10.09
N LEU A 79 -8.06 -30.51 -10.42
CA LEU A 79 -7.50 -29.20 -10.73
C LEU A 79 -6.70 -28.64 -9.55
N THR A 80 -5.62 -27.92 -9.86
CA THR A 80 -4.79 -27.31 -8.83
C THR A 80 -5.34 -25.93 -8.46
N GLY A 81 -4.61 -25.24 -7.58
CA GLY A 81 -5.03 -23.93 -7.12
C GLY A 81 -5.03 -22.88 -8.21
N TYR A 82 -4.22 -23.11 -9.24
CA TYR A 82 -4.16 -22.20 -10.38
C TYR A 82 -5.21 -22.60 -11.41
N GLN A 83 -5.34 -23.90 -11.61
CA GLN A 83 -6.29 -24.46 -12.56
C GLN A 83 -7.73 -24.32 -12.07
N ARG A 84 -7.89 -24.06 -10.78
CA ARG A 84 -9.20 -23.84 -10.20
C ARG A 84 -9.70 -22.45 -10.57
N LEU A 85 -8.85 -21.45 -10.37
CA LEU A 85 -9.15 -20.08 -10.78
C LEU A 85 -9.31 -20.03 -12.30
N TRP A 86 -8.42 -20.72 -12.99
CA TRP A 86 -8.47 -20.82 -14.45
C TRP A 86 -9.80 -21.38 -14.93
N ALA A 87 -10.22 -22.50 -14.35
CA ALA A 87 -11.47 -23.15 -14.72
C ALA A 87 -12.67 -22.28 -14.39
N LYS A 88 -12.63 -21.63 -13.23
CA LYS A 88 -13.71 -20.76 -12.80
C LYS A 88 -13.78 -19.52 -13.68
N ARG A 89 -12.69 -19.22 -14.37
CA ARG A 89 -12.67 -18.12 -15.33
C ARG A 89 -13.13 -18.56 -16.71
N ILE A 90 -12.87 -19.83 -17.04
CA ILE A 90 -13.12 -20.34 -18.38
C ILE A 90 -14.61 -20.61 -18.64
N VAL A 91 -15.37 -20.80 -17.58
CA VAL A 91 -16.80 -21.08 -17.72
C VAL A 91 -17.59 -19.78 -17.81
N GLN A 92 -16.90 -18.66 -17.61
CA GLN A 92 -17.52 -17.35 -17.74
C GLN A 92 -17.22 -16.77 -19.11
N GLY A 93 -16.16 -17.27 -19.74
CA GLY A 93 -15.78 -16.83 -21.07
C GLY A 93 -14.84 -15.63 -21.05
N LYS A 94 -14.06 -15.53 -19.98
CA LYS A 94 -13.12 -14.41 -19.84
C LYS A 94 -11.76 -14.74 -20.44
N SER A 95 -11.17 -13.76 -21.11
CA SER A 95 -9.82 -13.90 -21.64
C SER A 95 -8.80 -13.36 -20.64
N PHE A 96 -7.67 -14.04 -20.50
CA PHE A 96 -6.70 -13.67 -19.47
C PHE A 96 -5.28 -14.14 -19.78
N THR A 97 -4.42 -14.03 -18.76
CA THR A 97 -3.02 -14.46 -18.88
C THR A 97 -2.73 -15.53 -17.83
N MET A 98 -2.03 -16.59 -18.23
CA MET A 98 -1.68 -17.67 -17.33
C MET A 98 -0.48 -17.30 -16.45
N VAL A 99 -0.75 -16.94 -15.20
CA VAL A 99 0.30 -16.60 -14.25
C VAL A 99 0.68 -17.78 -13.36
N ALA A 100 1.72 -18.49 -13.77
CA ALA A 100 2.19 -19.67 -13.04
C ALA A 100 3.59 -20.09 -13.48
N PRO A 101 4.32 -20.76 -12.59
CA PRO A 101 5.62 -21.38 -12.93
C PRO A 101 5.47 -22.55 -13.90
N THR A 102 6.58 -23.04 -14.42
CA THR A 102 6.56 -24.13 -15.40
C THR A 102 6.49 -25.49 -14.72
N GLY A 103 5.53 -26.30 -15.16
CA GLY A 103 5.39 -27.66 -14.67
C GLY A 103 4.16 -27.89 -13.81
N VAL A 104 3.26 -26.91 -13.79
CA VAL A 104 2.04 -27.02 -13.00
C VAL A 104 0.81 -27.29 -13.85
N GLY A 105 1.04 -27.62 -15.12
CA GLY A 105 -0.04 -28.06 -16.00
C GLY A 105 -0.70 -26.99 -16.84
N LYS A 106 0.09 -26.09 -17.41
CA LYS A 106 -0.41 -25.08 -18.34
C LYS A 106 -0.88 -25.70 -19.64
N THR A 107 0.05 -26.34 -20.36
CA THR A 107 -0.26 -27.00 -21.62
C THR A 107 -1.35 -28.04 -21.40
N THR A 108 -1.25 -28.74 -20.27
CA THR A 108 -2.22 -29.77 -19.92
C THR A 108 -3.61 -29.17 -19.81
N PHE A 109 -3.70 -28.06 -19.08
CA PHE A 109 -4.97 -27.37 -18.92
C PHE A 109 -5.52 -26.84 -20.23
N GLY A 110 -4.61 -26.38 -21.11
CA GLY A 110 -5.02 -25.94 -22.43
C GLY A 110 -5.68 -27.07 -23.22
N MET A 111 -5.00 -28.21 -23.24
CA MET A 111 -5.52 -29.38 -23.93
C MET A 111 -6.88 -29.84 -23.38
N MET A 112 -6.96 -29.96 -22.07
CA MET A 112 -8.20 -30.44 -21.45
C MET A 112 -9.36 -29.46 -21.64
N THR A 113 -9.04 -28.17 -21.62
CA THR A 113 -10.05 -27.14 -21.83
C THR A 113 -10.57 -27.18 -23.26
N ALA A 114 -9.65 -27.25 -24.22
CA ALA A 114 -10.01 -27.36 -25.62
C ALA A 114 -10.85 -28.62 -25.86
N LEU A 115 -10.52 -29.67 -25.13
CA LEU A 115 -11.20 -30.95 -25.28
C LEU A 115 -12.62 -30.89 -24.73
N TRP A 116 -12.78 -30.24 -23.58
CA TRP A 116 -14.08 -30.07 -22.96
C TRP A 116 -14.98 -29.19 -23.82
N LEU A 117 -14.43 -28.06 -24.27
CA LEU A 117 -15.15 -27.14 -25.13
C LEU A 117 -15.51 -27.77 -26.48
N ALA A 118 -14.65 -28.65 -26.97
CA ALA A 118 -14.95 -29.38 -28.20
C ALA A 118 -16.03 -30.42 -27.95
N ARG A 119 -16.02 -30.99 -26.75
CA ARG A 119 -17.03 -31.95 -26.33
C ARG A 119 -18.40 -31.29 -26.28
N LYS A 120 -18.43 -30.03 -25.85
CA LYS A 120 -19.67 -29.28 -25.82
C LYS A 120 -20.14 -28.96 -27.25
N GLY A 121 -19.19 -28.78 -28.16
CA GLY A 121 -19.51 -28.52 -29.55
C GLY A 121 -18.77 -27.34 -30.14
N LYS A 122 -18.13 -26.55 -29.28
CA LYS A 122 -17.40 -25.36 -29.72
C LYS A 122 -16.00 -25.70 -30.24
N LYS A 123 -15.61 -25.04 -31.33
CA LYS A 123 -14.32 -25.29 -31.95
C LYS A 123 -13.23 -24.38 -31.39
N SER A 124 -12.03 -24.93 -31.21
CA SER A 124 -10.92 -24.19 -30.62
C SER A 124 -9.63 -24.35 -31.41
N ALA A 125 -8.62 -23.57 -31.03
CA ALA A 125 -7.31 -23.63 -31.69
C ALA A 125 -6.18 -23.53 -30.67
N LEU A 126 -5.11 -24.28 -30.89
CA LEU A 126 -3.97 -24.29 -29.99
C LEU A 126 -2.69 -23.88 -30.70
N VAL A 127 -2.18 -22.69 -30.39
CA VAL A 127 -0.99 -22.17 -31.04
C VAL A 127 0.26 -22.39 -30.19
N PHE A 128 1.30 -22.94 -30.81
CA PHE A 128 2.54 -23.27 -30.11
C PHE A 128 3.76 -22.66 -30.80
N PRO A 129 4.85 -22.43 -30.04
CA PRO A 129 6.05 -21.84 -30.63
C PRO A 129 6.79 -22.78 -31.58
N THR A 130 7.06 -24.01 -31.14
CA THR A 130 7.80 -24.97 -31.95
C THR A 130 6.91 -26.06 -32.51
N VAL A 131 7.27 -26.57 -33.69
CA VAL A 131 6.49 -27.62 -34.34
C VAL A 131 6.59 -28.93 -33.55
N THR A 132 7.65 -29.07 -32.77
CA THR A 132 7.83 -30.25 -31.92
C THR A 132 6.74 -30.28 -30.86
N LEU A 133 6.39 -29.10 -30.36
CA LEU A 133 5.30 -28.98 -29.38
C LEU A 133 3.95 -29.24 -30.03
N VAL A 134 3.85 -28.95 -31.32
CA VAL A 134 2.63 -29.25 -32.06
C VAL A 134 2.47 -30.76 -32.17
N LYS A 135 3.55 -31.43 -32.57
CA LYS A 135 3.57 -32.88 -32.66
C LYS A 135 3.26 -33.53 -31.30
N GLN A 136 3.88 -33.01 -30.24
CA GLN A 136 3.72 -33.57 -28.92
C GLN A 136 2.30 -33.38 -28.37
N THR A 137 1.79 -32.16 -28.50
CA THR A 137 0.44 -31.85 -28.06
C THR A 137 -0.59 -32.68 -28.82
N LEU A 138 -0.37 -32.82 -30.12
CA LEU A 138 -1.23 -33.65 -30.96
C LEU A 138 -1.18 -35.10 -30.49
N GLU A 139 0.03 -35.56 -30.18
CA GLU A 139 0.25 -36.91 -29.68
C GLU A 139 -0.56 -37.16 -28.41
N ARG A 140 -0.48 -36.22 -27.49
CA ARG A 140 -1.18 -36.33 -26.21
C ARG A 140 -2.70 -36.21 -26.37
N LEU A 141 -3.12 -35.47 -27.40
CA LEU A 141 -4.55 -35.29 -27.67
C LEU A 141 -5.19 -36.52 -28.29
N GLN A 142 -4.56 -37.06 -29.33
CA GLN A 142 -5.09 -38.21 -30.06
C GLN A 142 -5.28 -39.43 -29.16
N LYS A 143 -4.45 -39.55 -28.13
CA LYS A 143 -4.51 -40.70 -27.23
C LYS A 143 -5.26 -40.40 -25.95
N LEU A 144 -6.08 -39.35 -25.97
CA LEU A 144 -6.87 -38.98 -24.80
C LEU A 144 -8.23 -38.42 -25.22
N ALA A 145 -8.36 -38.06 -26.49
CA ALA A 145 -9.61 -37.55 -27.03
C ALA A 145 -10.48 -38.69 -27.55
N ASP A 146 -11.79 -38.52 -27.48
CA ASP A 146 -12.71 -39.51 -28.00
C ASP A 146 -12.94 -39.33 -29.50
N GLU A 147 -13.56 -40.32 -30.13
CA GLU A 147 -13.71 -40.33 -31.59
C GLU A 147 -14.59 -39.20 -32.13
N LYS A 148 -15.47 -38.67 -31.29
CA LYS A 148 -16.39 -37.63 -31.70
C LYS A 148 -15.71 -36.28 -31.95
N VAL A 149 -14.49 -36.15 -31.43
CA VAL A 149 -13.71 -34.91 -31.58
C VAL A 149 -12.88 -34.94 -32.85
N LYS A 150 -12.80 -33.81 -33.54
CA LYS A 150 -12.00 -33.70 -34.75
C LYS A 150 -10.74 -32.87 -34.53
N ILE A 151 -9.60 -33.54 -34.53
CA ILE A 151 -8.31 -32.88 -34.28
C ILE A 151 -7.44 -32.89 -35.53
N PHE A 152 -6.89 -31.73 -35.87
CA PHE A 152 -6.04 -31.59 -37.05
C PHE A 152 -4.83 -30.72 -36.76
N GLY A 153 -3.73 -30.96 -37.48
CA GLY A 153 -2.51 -30.23 -37.24
C GLY A 153 -1.65 -29.98 -38.47
N PHE A 154 -0.74 -29.02 -38.36
CA PHE A 154 0.15 -28.67 -39.46
C PHE A 154 1.56 -28.35 -38.95
N TYR A 155 2.56 -28.98 -39.56
CA TYR A 155 3.96 -28.69 -39.24
C TYR A 155 4.83 -28.80 -40.48
N SER A 156 6.11 -28.44 -40.34
CA SER A 156 7.03 -28.44 -41.46
C SER A 156 7.24 -29.85 -42.02
N SER A 157 7.89 -30.70 -41.23
CA SER A 157 8.11 -32.09 -41.63
C SER A 157 6.81 -32.89 -41.50
N MET A 158 5.83 -32.54 -42.31
CA MET A 158 4.51 -33.16 -42.25
C MET A 158 4.42 -34.34 -43.21
N LYS A 159 3.54 -35.28 -42.89
CA LYS A 159 3.30 -36.41 -43.78
C LYS A 159 2.76 -35.93 -45.12
N LYS A 160 3.05 -36.70 -46.18
CA LYS A 160 2.69 -36.32 -47.53
C LYS A 160 1.20 -36.12 -47.72
N GLU A 161 0.40 -37.00 -47.14
CA GLU A 161 -1.05 -36.96 -47.31
C GLU A 161 -1.75 -36.21 -46.17
N GLU A 162 -1.14 -36.22 -45.00
CA GLU A 162 -1.73 -35.56 -43.83
C GLU A 162 -1.61 -34.04 -43.94
N LYS A 163 -0.57 -33.58 -44.63
CA LYS A 163 -0.32 -32.16 -44.80
C LYS A 163 -1.41 -31.52 -45.64
N GLU A 164 -1.89 -32.25 -46.66
CA GLU A 164 -2.97 -31.77 -47.50
C GLU A 164 -4.33 -32.11 -46.89
N LYS A 165 -4.36 -33.18 -46.10
CA LYS A 165 -5.56 -33.53 -45.34
C LYS A 165 -5.93 -32.40 -44.39
N PHE A 166 -4.90 -31.80 -43.79
CA PHE A 166 -5.10 -30.66 -42.89
C PHE A 166 -5.72 -29.48 -43.62
N GLU A 167 -5.20 -29.18 -44.82
CA GLU A 167 -5.70 -28.09 -45.63
C GLU A 167 -7.16 -28.31 -46.02
N LYS A 168 -7.45 -29.52 -46.47
CA LYS A 168 -8.81 -29.89 -46.86
C LYS A 168 -9.76 -29.80 -45.68
N SER A 169 -9.27 -30.17 -44.49
CA SER A 169 -10.08 -30.11 -43.29
C SER A 169 -10.38 -28.67 -42.86
N PHE A 170 -9.34 -27.85 -42.85
CA PHE A 170 -9.47 -26.44 -42.46
C PHE A 170 -10.32 -25.65 -43.45
N GLU A 171 -10.30 -26.08 -44.71
CA GLU A 171 -11.07 -25.40 -45.75
C GLU A 171 -12.56 -25.63 -45.56
N GLU A 172 -12.91 -26.71 -44.87
CA GLU A 172 -14.31 -27.07 -44.67
C GLU A 172 -14.96 -26.22 -43.58
N ASP A 173 -14.14 -25.46 -42.86
CA ASP A 173 -14.58 -24.66 -41.70
C ASP A 173 -15.13 -25.55 -40.59
N ASP A 174 -14.98 -26.86 -40.77
CA ASP A 174 -15.48 -27.84 -39.81
C ASP A 174 -14.36 -28.56 -39.09
N TYR A 175 -14.10 -28.12 -37.87
CA TYR A 175 -13.12 -28.77 -37.00
C TYR A 175 -13.62 -28.68 -35.56
N HIS A 176 -12.79 -29.15 -34.63
CA HIS A 176 -13.10 -29.03 -33.21
C HIS A 176 -11.88 -28.50 -32.47
N ILE A 177 -10.70 -28.99 -32.86
CA ILE A 177 -9.45 -28.55 -32.26
C ILE A 177 -8.37 -28.47 -33.34
N LEU A 178 -7.81 -27.27 -33.53
CA LEU A 178 -6.70 -27.09 -34.46
C LEU A 178 -5.40 -26.85 -33.70
N VAL A 179 -4.35 -27.58 -34.08
CA VAL A 179 -3.05 -27.45 -33.42
C VAL A 179 -1.98 -27.10 -34.45
N PHE A 180 -1.33 -25.95 -34.27
CA PHE A 180 -0.31 -25.50 -35.21
C PHE A 180 0.69 -24.54 -34.58
N SER A 181 1.71 -24.17 -35.36
CA SER A 181 2.80 -23.33 -34.88
C SER A 181 2.49 -21.84 -35.02
N THR A 182 3.45 -21.01 -34.61
CA THR A 182 3.32 -19.56 -34.73
C THR A 182 3.66 -19.14 -36.16
N GLN A 183 4.57 -19.89 -36.78
CA GLN A 183 4.92 -19.71 -38.17
C GLN A 183 3.68 -19.75 -39.05
N PHE A 184 2.80 -20.71 -38.77
CA PHE A 184 1.55 -20.87 -39.49
C PHE A 184 0.69 -19.61 -39.39
N VAL A 185 0.61 -19.06 -38.18
CA VAL A 185 -0.20 -17.87 -37.94
C VAL A 185 0.37 -16.66 -38.67
N SER A 186 1.68 -16.48 -38.57
CA SER A 186 2.35 -15.36 -39.22
C SER A 186 2.27 -15.45 -40.74
N LYS A 187 2.19 -16.68 -41.25
CA LYS A 187 2.11 -16.89 -42.70
C LYS A 187 0.67 -16.84 -43.19
N ASN A 188 -0.22 -17.57 -42.50
CA ASN A 188 -1.62 -17.61 -42.88
C ASN A 188 -2.46 -16.62 -42.08
N ARG A 189 -2.20 -15.33 -42.29
CA ARG A 189 -2.90 -14.28 -41.56
C ARG A 189 -4.36 -14.17 -42.00
N GLU A 190 -4.56 -13.90 -43.28
CA GLU A 190 -5.90 -13.69 -43.82
C GLU A 190 -6.72 -14.97 -43.82
N LYS A 191 -6.05 -16.10 -43.94
CA LYS A 191 -6.73 -17.39 -43.93
C LYS A 191 -7.31 -17.71 -42.55
N LEU A 192 -6.66 -17.21 -41.51
CA LEU A 192 -7.12 -17.43 -40.14
C LEU A 192 -8.04 -16.31 -39.66
N SER A 193 -7.93 -15.14 -40.30
CA SER A 193 -8.69 -13.97 -39.89
C SER A 193 -10.19 -14.13 -40.10
N GLN A 194 -10.56 -14.89 -41.14
CA GLN A 194 -11.96 -15.01 -41.54
C GLN A 194 -12.71 -16.10 -40.78
N LYS A 195 -11.97 -17.02 -40.16
CA LYS A 195 -12.58 -18.05 -39.33
C LYS A 195 -12.98 -17.47 -37.98
N ARG A 196 -13.80 -18.20 -37.24
CA ARG A 196 -14.19 -17.76 -35.89
C ARG A 196 -14.16 -18.92 -34.90
N PHE A 197 -13.32 -18.78 -33.88
CA PHE A 197 -13.19 -19.81 -32.85
C PHE A 197 -13.96 -19.44 -31.59
N ASP A 198 -13.90 -20.31 -30.59
CA ASP A 198 -14.52 -20.05 -29.30
C ASP A 198 -13.50 -20.19 -28.18
N PHE A 199 -12.28 -20.58 -28.55
CA PHE A 199 -11.19 -20.73 -27.60
C PHE A 199 -9.84 -20.78 -28.30
N VAL A 200 -8.88 -20.02 -27.79
CA VAL A 200 -7.53 -20.02 -28.33
C VAL A 200 -6.51 -20.11 -27.20
N PHE A 201 -5.58 -21.07 -27.30
CA PHE A 201 -4.56 -21.24 -26.28
C PHE A 201 -3.16 -20.96 -26.83
N VAL A 202 -2.37 -20.21 -26.05
CA VAL A 202 -1.02 -19.83 -26.46
C VAL A 202 0.00 -20.22 -25.39
N ASP A 203 0.75 -21.29 -25.67
CA ASP A 203 1.73 -21.80 -24.74
C ASP A 203 2.98 -20.90 -24.65
N ASP A 204 3.13 -20.03 -25.63
CA ASP A 204 4.21 -19.04 -25.62
C ASP A 204 3.80 -17.74 -26.31
N VAL A 205 3.64 -16.69 -25.51
CA VAL A 205 3.13 -15.42 -26.00
C VAL A 205 4.22 -14.57 -26.67
N ASP A 206 5.48 -14.85 -26.35
CA ASP A 206 6.59 -14.09 -26.89
C ASP A 206 6.71 -14.23 -28.41
N ALA A 207 6.53 -15.45 -28.89
CA ALA A 207 6.63 -15.73 -30.33
C ALA A 207 5.50 -15.03 -31.10
N VAL A 208 4.33 -14.94 -30.49
CA VAL A 208 3.18 -14.29 -31.11
C VAL A 208 3.37 -12.78 -31.11
N LEU A 209 3.87 -12.25 -30.01
CA LEU A 209 4.08 -10.81 -29.86
C LEU A 209 5.26 -10.29 -30.69
N LYS A 210 5.94 -11.20 -31.38
CA LYS A 210 7.06 -10.83 -32.24
C LYS A 210 6.60 -9.92 -33.36
N ALA A 211 5.46 -10.25 -33.95
CA ALA A 211 4.86 -9.43 -34.99
C ALA A 211 3.60 -8.73 -34.46
N SER A 212 3.24 -7.61 -35.07
CA SER A 212 2.07 -6.86 -34.66
C SER A 212 0.81 -7.42 -35.31
N ARG A 213 0.96 -7.94 -36.51
CA ARG A 213 -0.17 -8.47 -37.28
C ARG A 213 -0.81 -9.68 -36.61
N ASN A 214 -0.05 -10.38 -35.78
CA ASN A 214 -0.56 -11.55 -35.08
C ASN A 214 -1.61 -11.19 -34.03
N ILE A 215 -1.46 -10.03 -33.41
CA ILE A 215 -2.42 -9.55 -32.42
C ILE A 215 -3.77 -9.30 -33.10
N ASP A 216 -3.74 -8.54 -34.19
CA ASP A 216 -4.93 -8.28 -34.98
C ASP A 216 -5.53 -9.58 -35.50
N THR A 217 -4.65 -10.53 -35.81
CA THR A 217 -5.08 -11.85 -36.28
C THR A 217 -5.90 -12.57 -35.23
N LEU A 218 -5.36 -12.67 -34.02
CA LEU A 218 -6.05 -13.35 -32.92
C LEU A 218 -7.34 -12.65 -32.56
N LEU A 219 -7.29 -11.32 -32.51
CA LEU A 219 -8.49 -10.52 -32.22
C LEU A 219 -9.55 -10.72 -33.31
N MET A 220 -9.11 -10.98 -34.53
CA MET A 220 -10.04 -11.29 -35.61
C MET A 220 -10.50 -12.75 -35.54
N MET A 221 -9.77 -13.55 -34.78
CA MET A 221 -10.10 -14.96 -34.63
C MET A 221 -11.14 -15.19 -33.52
N VAL A 222 -11.08 -14.39 -32.47
CA VAL A 222 -12.02 -14.55 -31.37
C VAL A 222 -13.43 -14.08 -31.73
N GLY A 223 -13.53 -13.09 -32.61
CA GLY A 223 -14.83 -12.63 -33.06
C GLY A 223 -14.97 -11.12 -33.12
N ILE A 224 -13.87 -10.44 -33.43
CA ILE A 224 -13.87 -8.97 -33.53
C ILE A 224 -13.53 -8.54 -34.96
N PRO A 225 -14.35 -7.67 -35.55
CA PRO A 225 -14.09 -7.17 -36.90
C PRO A 225 -12.87 -6.27 -36.95
N GLU A 226 -12.29 -6.09 -38.13
CA GLU A 226 -11.08 -5.29 -38.29
C GLU A 226 -11.36 -3.79 -38.14
N GLU A 227 -12.61 -3.40 -38.32
CA GLU A 227 -12.99 -1.99 -38.21
C GLU A 227 -12.98 -1.52 -36.77
N ILE A 228 -13.57 -2.32 -35.88
CA ILE A 228 -13.52 -2.04 -34.45
C ILE A 228 -12.08 -2.05 -33.96
N ILE A 229 -11.29 -2.97 -34.52
CA ILE A 229 -9.87 -3.07 -34.20
C ILE A 229 -9.11 -1.80 -34.58
N ARG A 230 -9.37 -1.30 -35.79
CA ARG A 230 -8.73 -0.08 -36.25
C ARG A 230 -9.19 1.14 -35.44
N LYS A 231 -10.46 1.12 -35.02
CA LYS A 231 -11.01 2.20 -34.21
C LYS A 231 -10.33 2.25 -32.85
N ALA A 232 -10.25 1.08 -32.19
CA ALA A 232 -9.59 0.98 -30.89
C ALA A 232 -8.11 1.30 -31.01
N PHE A 233 -7.51 0.92 -32.13
CA PHE A 233 -6.11 1.21 -32.41
C PHE A 233 -5.90 2.72 -32.50
N SER A 234 -6.83 3.40 -33.16
CA SER A 234 -6.80 4.85 -33.27
C SER A 234 -6.96 5.49 -31.89
N THR A 235 -7.86 4.95 -31.08
CA THR A 235 -8.13 5.49 -29.77
C THR A 235 -6.95 5.33 -28.81
N ILE A 236 -6.28 4.19 -28.87
CA ILE A 236 -5.11 3.96 -28.03
C ILE A 236 -3.89 4.70 -28.57
N LYS A 237 -3.89 4.97 -29.88
CA LYS A 237 -2.87 5.83 -30.46
C LYS A 237 -3.05 7.25 -29.96
N GLN A 238 -4.31 7.64 -29.77
CA GLN A 238 -4.65 8.95 -29.24
C GLN A 238 -4.08 9.15 -27.85
N GLY A 239 -4.34 8.19 -26.97
CA GLY A 239 -3.83 8.25 -25.60
C GLY A 239 -4.85 7.84 -24.56
N LYS A 240 -6.13 7.88 -24.94
CA LYS A 240 -7.21 7.54 -24.03
C LYS A 240 -7.73 6.13 -24.28
N ILE A 241 -8.43 5.57 -23.30
CA ILE A 241 -8.92 4.20 -23.39
C ILE A 241 -10.12 4.09 -24.34
N TYR A 242 -10.47 2.85 -24.68
CA TYR A 242 -11.57 2.59 -25.60
C TYR A 242 -12.61 1.67 -24.99
N GLU A 243 -13.85 2.14 -24.91
CA GLU A 243 -14.95 1.35 -24.38
C GLU A 243 -15.31 0.22 -25.34
N ARG A 244 -15.23 -1.02 -24.85
CA ARG A 244 -15.65 -2.16 -25.64
C ARG A 244 -17.17 -2.13 -25.85
N PRO A 245 -17.61 -2.28 -27.11
CA PRO A 245 -19.03 -2.32 -27.44
C PRO A 245 -19.75 -3.43 -26.68
N LYS A 246 -20.76 -3.08 -25.89
CA LYS A 246 -21.48 -4.04 -25.07
C LYS A 246 -22.16 -5.13 -25.90
N ASN A 247 -22.52 -4.79 -27.13
CA ASN A 247 -23.18 -5.72 -28.02
C ASN A 247 -22.24 -6.77 -28.62
N LEU A 248 -20.97 -6.70 -28.25
CA LEU A 248 -19.97 -7.62 -28.78
C LEU A 248 -19.91 -8.92 -27.99
N LYS A 249 -20.10 -10.04 -28.69
CA LYS A 249 -19.92 -11.36 -28.11
C LYS A 249 -18.59 -11.94 -28.57
N PRO A 250 -17.54 -11.82 -27.75
CA PRO A 250 -16.22 -12.28 -28.14
C PRO A 250 -16.01 -13.76 -27.83
N GLY A 251 -14.82 -14.27 -28.14
CA GLY A 251 -14.49 -15.65 -27.85
C GLY A 251 -13.66 -15.76 -26.59
N ILE A 252 -12.70 -16.68 -26.60
CA ILE A 252 -11.81 -16.87 -25.45
C ILE A 252 -10.34 -16.89 -25.89
N LEU A 253 -9.56 -15.99 -25.34
CA LEU A 253 -8.12 -15.95 -25.61
C LEU A 253 -7.32 -16.18 -24.34
N VAL A 254 -6.39 -17.13 -24.39
CA VAL A 254 -5.54 -17.44 -23.25
C VAL A 254 -4.08 -17.42 -23.67
N VAL A 255 -3.27 -16.65 -22.95
CA VAL A 255 -1.85 -16.55 -23.23
C VAL A 255 -1.02 -16.94 -22.01
N SER A 256 0.11 -17.59 -22.24
CA SER A 256 1.05 -17.89 -21.16
C SER A 256 1.73 -16.59 -20.72
N SER A 257 2.38 -16.64 -19.57
CA SER A 257 3.06 -15.46 -19.04
C SER A 257 4.15 -14.97 -19.99
N ALA A 258 4.33 -13.66 -20.06
CA ALA A 258 5.39 -13.08 -20.88
C ALA A 258 6.73 -13.30 -20.21
N THR A 259 7.74 -13.66 -21.02
CA THR A 259 9.09 -13.82 -20.50
C THR A 259 9.85 -12.51 -20.68
N ALA A 260 9.57 -11.80 -21.77
CA ALA A 260 10.20 -10.52 -22.02
C ALA A 260 9.26 -9.39 -21.61
N LYS A 261 9.54 -8.19 -22.13
CA LYS A 261 8.73 -7.01 -21.83
C LYS A 261 7.78 -6.71 -22.98
N PRO A 262 6.47 -6.68 -22.69
CA PRO A 262 5.43 -6.51 -23.71
C PRO A 262 5.30 -5.06 -24.22
N ARG A 263 6.33 -4.59 -24.91
CA ARG A 263 6.28 -3.27 -25.52
C ARG A 263 5.32 -3.26 -26.69
N GLY A 264 4.92 -2.06 -27.11
CA GLY A 264 4.06 -1.91 -28.27
C GLY A 264 2.69 -1.33 -27.96
N ILE A 265 2.00 -0.85 -28.98
CA ILE A 265 0.65 -0.32 -28.82
C ILE A 265 -0.38 -1.43 -29.01
N ARG A 266 0.05 -2.48 -29.71
CA ARG A 266 -0.80 -3.63 -29.97
C ARG A 266 -1.27 -4.40 -28.71
N PRO A 267 -0.37 -4.61 -27.72
CA PRO A 267 -0.83 -5.33 -26.52
C PRO A 267 -1.99 -4.66 -25.78
N LEU A 268 -2.09 -3.34 -25.84
CA LEU A 268 -3.14 -2.61 -25.13
C LEU A 268 -4.54 -2.94 -25.65
N LEU A 269 -4.59 -3.40 -26.90
CA LEU A 269 -5.83 -3.83 -27.53
C LEU A 269 -6.48 -4.94 -26.71
N PHE A 270 -5.65 -5.78 -26.10
CA PHE A 270 -6.14 -6.83 -25.21
C PHE A 270 -6.73 -6.22 -23.95
N ARG A 271 -6.09 -5.17 -23.46
CA ARG A 271 -6.52 -4.49 -22.24
C ARG A 271 -7.87 -3.82 -22.42
N ASP A 272 -8.14 -3.32 -23.62
CA ASP A 272 -9.38 -2.58 -23.86
C ASP A 272 -10.48 -3.39 -24.54
N LEU A 273 -10.14 -4.53 -25.13
CA LEU A 273 -11.13 -5.35 -25.82
C LEU A 273 -11.47 -6.63 -25.06
N LEU A 274 -10.45 -7.31 -24.54
CA LEU A 274 -10.65 -8.58 -23.85
C LEU A 274 -10.49 -8.44 -22.34
N ASN A 275 -10.26 -7.22 -21.88
CA ASN A 275 -10.18 -6.90 -20.46
C ASN A 275 -9.11 -7.69 -19.69
N PHE A 276 -7.87 -7.60 -20.16
CA PHE A 276 -6.74 -8.23 -19.49
C PHE A 276 -5.42 -7.73 -20.07
N THR A 277 -4.37 -7.75 -19.25
CA THR A 277 -3.06 -7.33 -19.71
C THR A 277 -2.09 -8.51 -19.77
N VAL A 278 -1.25 -8.53 -20.78
CA VAL A 278 -0.26 -9.59 -20.92
C VAL A 278 0.91 -9.32 -19.98
N GLY A 279 0.69 -9.60 -18.69
CA GLY A 279 1.69 -9.33 -17.68
C GLY A 279 2.79 -10.38 -17.66
N ARG A 280 4.03 -9.94 -17.47
CA ARG A 280 5.15 -10.86 -17.41
C ARG A 280 5.36 -11.37 -15.99
N LEU A 281 5.74 -12.64 -15.88
CA LEU A 281 5.88 -13.28 -14.57
C LEU A 281 7.08 -12.76 -13.80
N VAL A 282 6.82 -11.86 -12.85
CA VAL A 282 7.85 -11.39 -11.93
C VAL A 282 7.52 -11.88 -10.52
N SER A 283 8.26 -12.88 -10.06
CA SER A 283 7.98 -13.51 -8.78
C SER A 283 8.94 -13.05 -7.68
N VAL A 284 8.40 -12.40 -6.67
CA VAL A 284 9.18 -11.97 -5.52
C VAL A 284 9.10 -13.03 -4.42
N ALA A 285 8.53 -14.19 -4.78
CA ALA A 285 8.41 -15.30 -3.85
C ALA A 285 9.79 -15.83 -3.46
N ARG A 286 10.24 -15.45 -2.26
CA ARG A 286 11.56 -15.83 -1.79
C ARG A 286 11.53 -16.21 -0.31
N ASN A 287 12.21 -17.30 0.03
CA ASN A 287 12.35 -17.71 1.42
C ASN A 287 13.82 -17.82 1.79
N ILE A 288 14.52 -16.69 1.76
CA ILE A 288 15.95 -16.65 1.99
C ILE A 288 16.30 -16.12 3.38
N THR A 289 17.17 -16.84 4.08
CA THR A 289 17.68 -16.38 5.36
C THR A 289 19.01 -15.65 5.13
N HIS A 290 19.04 -14.38 5.50
CA HIS A 290 20.23 -13.57 5.30
C HIS A 290 21.07 -13.45 6.57
N VAL A 291 22.30 -13.95 6.51
CA VAL A 291 23.21 -13.88 7.63
C VAL A 291 24.50 -13.16 7.24
N ARG A 292 25.02 -12.34 8.14
CA ARG A 292 26.25 -11.59 7.88
C ARG A 292 27.35 -11.92 8.87
N ILE A 293 28.57 -12.13 8.36
CA ILE A 293 29.73 -12.42 9.19
C ILE A 293 30.58 -11.17 9.35
N SER A 294 31.09 -10.97 10.58
CA SER A 294 31.80 -9.74 10.94
C SER A 294 33.07 -9.47 10.15
N SER A 295 33.66 -10.50 9.56
CA SER A 295 34.95 -10.34 8.87
C SER A 295 35.13 -11.28 7.68
N ARG A 296 36.16 -11.01 6.88
CA ARG A 296 36.52 -11.88 5.76
C ARG A 296 37.47 -12.98 6.22
N SER A 297 37.16 -13.60 7.36
CA SER A 297 37.97 -14.68 7.89
C SER A 297 37.71 -15.98 7.13
N LYS A 298 38.72 -16.43 6.40
CA LYS A 298 38.60 -17.62 5.56
C LYS A 298 38.44 -18.90 6.37
N GLU A 299 38.86 -18.85 7.63
CA GLU A 299 38.72 -20.00 8.51
C GLU A 299 37.24 -20.27 8.78
N LYS A 300 36.51 -19.19 9.06
CA LYS A 300 35.05 -19.28 9.22
C LYS A 300 34.41 -19.75 7.92
N LEU A 301 34.96 -19.29 6.80
CA LEU A 301 34.47 -19.69 5.49
C LEU A 301 34.54 -21.21 5.32
N VAL A 302 35.73 -21.77 5.54
CA VAL A 302 35.92 -23.21 5.45
C VAL A 302 35.03 -23.95 6.46
N GLU A 303 34.94 -23.40 7.67
CA GLU A 303 34.09 -23.96 8.71
C GLU A 303 32.63 -24.08 8.27
N LEU A 304 32.15 -23.09 7.52
CA LEU A 304 30.80 -23.14 6.98
C LEU A 304 30.69 -24.08 5.79
N LEU A 305 31.74 -24.11 4.96
CA LEU A 305 31.78 -24.96 3.78
C LEU A 305 31.71 -26.43 4.16
N GLU A 306 32.26 -26.78 5.32
CA GLU A 306 32.20 -28.16 5.80
C GLU A 306 30.81 -28.51 6.31
N ILE A 307 29.98 -27.51 6.54
CA ILE A 307 28.62 -27.73 7.00
C ILE A 307 27.63 -27.76 5.84
N PHE A 308 27.83 -26.88 4.86
CA PHE A 308 26.93 -26.78 3.72
C PHE A 308 27.13 -27.92 2.73
N ARG A 309 28.39 -28.32 2.53
CA ARG A 309 28.76 -29.38 1.60
C ARG A 309 28.35 -29.09 0.16
N ASP A 310 27.33 -29.78 -0.32
CA ASP A 310 26.89 -29.64 -1.71
C ASP A 310 25.78 -28.60 -1.85
N GLY A 311 25.97 -27.65 -2.77
CA GLY A 311 24.98 -26.62 -3.02
C GLY A 311 25.45 -25.24 -2.63
N ILE A 312 26.69 -24.90 -2.98
CA ILE A 312 27.27 -23.64 -2.57
C ILE A 312 27.64 -22.77 -3.77
N LEU A 313 27.52 -21.45 -3.60
CA LEU A 313 27.84 -20.49 -4.65
C LEU A 313 28.58 -19.29 -4.06
N ILE A 314 29.72 -18.94 -4.65
CA ILE A 314 30.55 -17.87 -4.12
C ILE A 314 30.60 -16.66 -5.06
N PHE A 315 30.39 -15.46 -4.49
CA PHE A 315 30.49 -14.23 -5.25
C PHE A 315 31.62 -13.34 -4.74
N ALA A 316 32.68 -13.22 -5.53
CA ALA A 316 33.83 -12.41 -5.14
C ALA A 316 33.76 -11.02 -5.76
N GLN A 317 34.48 -10.07 -5.17
CA GLN A 317 34.50 -8.69 -5.62
C GLN A 317 34.88 -8.55 -7.11
N THR A 318 36.16 -8.71 -7.40
CA THR A 318 36.65 -8.65 -8.77
C THR A 318 37.25 -9.99 -9.17
N GLU A 319 37.49 -10.16 -10.47
CA GLU A 319 37.99 -11.44 -10.99
C GLU A 319 39.41 -11.74 -10.52
N GLU A 320 40.14 -10.70 -10.11
CA GLU A 320 41.48 -10.89 -9.57
C GLU A 320 41.42 -11.65 -8.25
N GLU A 321 40.72 -11.08 -7.28
CA GLU A 321 40.54 -11.73 -6.00
C GLU A 321 39.65 -12.96 -6.10
N GLY A 322 38.83 -13.00 -7.16
CA GLY A 322 38.04 -14.18 -7.46
C GLY A 322 38.95 -15.33 -7.81
N LYS A 323 39.98 -15.03 -8.60
CA LYS A 323 41.00 -16.02 -8.94
C LYS A 323 41.88 -16.32 -7.73
N GLU A 324 41.98 -15.34 -6.82
CA GLU A 324 42.72 -15.53 -5.58
C GLU A 324 42.06 -16.59 -4.71
N LEU A 325 40.75 -16.46 -4.52
CA LEU A 325 40.00 -17.43 -3.72
C LEU A 325 39.89 -18.75 -4.46
N TYR A 326 39.79 -18.66 -5.78
CA TYR A 326 39.79 -19.84 -6.65
C TYR A 326 41.03 -20.67 -6.35
N GLU A 327 42.19 -20.02 -6.42
CA GLU A 327 43.47 -20.67 -6.08
C GLU A 327 43.49 -21.17 -4.64
N TYR A 328 42.97 -20.36 -3.71
CA TYR A 328 42.97 -20.70 -2.29
C TYR A 328 42.27 -22.03 -2.05
N LEU A 329 41.02 -22.13 -2.49
CA LEU A 329 40.23 -23.34 -2.27
C LEU A 329 40.62 -24.49 -3.19
N LYS A 330 41.26 -24.18 -4.32
CA LYS A 330 41.76 -25.24 -5.20
C LYS A 330 43.00 -25.87 -4.59
N ARG A 331 43.68 -25.10 -3.75
CA ARG A 331 44.86 -25.58 -3.03
C ARG A 331 44.49 -26.26 -1.72
N PHE A 332 43.29 -25.95 -1.21
CA PHE A 332 42.77 -26.62 -0.03
C PHE A 332 42.01 -27.88 -0.42
N LYS A 333 41.99 -28.15 -1.72
CA LYS A 333 41.34 -29.34 -2.29
C LYS A 333 39.86 -29.47 -1.97
N PHE A 334 39.09 -28.50 -2.45
CA PHE A 334 37.63 -28.60 -2.51
C PHE A 334 37.26 -28.70 -3.97
N ASN A 335 36.02 -29.05 -4.27
CA ASN A 335 35.57 -29.08 -5.66
C ASN A 335 35.46 -27.67 -6.22
N VAL A 336 36.51 -27.23 -6.90
CA VAL A 336 36.62 -25.86 -7.37
C VAL A 336 35.84 -25.64 -8.67
N GLY A 337 35.54 -24.38 -8.97
CA GLY A 337 34.83 -24.03 -10.19
C GLY A 337 35.14 -22.61 -10.65
N GLU A 338 34.85 -22.33 -11.91
CA GLU A 338 35.11 -21.01 -12.48
C GLU A 338 34.12 -20.68 -13.58
N THR A 339 33.78 -19.40 -13.69
CA THR A 339 32.86 -18.94 -14.72
C THR A 339 33.41 -17.76 -15.51
N TRP A 340 34.73 -17.59 -15.47
CA TRP A 340 35.39 -16.57 -16.28
C TRP A 340 36.26 -17.22 -17.34
N SER A 341 36.41 -18.54 -17.24
CA SER A 341 37.14 -19.32 -18.24
C SER A 341 36.23 -20.41 -18.79
N GLU A 342 35.79 -21.31 -17.92
CA GLU A 342 34.90 -22.40 -18.30
C GLU A 342 33.52 -22.18 -17.72
N PHE A 343 32.85 -21.13 -18.19
CA PHE A 343 31.53 -20.76 -17.66
C PHE A 343 30.44 -21.73 -18.08
N GLU A 344 30.75 -22.61 -19.02
CA GLU A 344 29.75 -23.54 -19.54
C GLU A 344 30.01 -24.98 -19.09
N LYS A 345 31.28 -25.33 -18.89
CA LYS A 345 31.65 -26.68 -18.48
C LYS A 345 31.34 -26.93 -17.01
N ASN A 346 31.94 -26.12 -16.14
CA ASN A 346 31.76 -26.27 -14.70
C ASN A 346 30.32 -26.00 -14.26
N PHE A 347 29.58 -25.28 -15.10
CA PHE A 347 28.17 -25.02 -14.87
C PHE A 347 27.42 -26.35 -14.83
N GLU A 348 27.57 -27.13 -15.90
CA GLU A 348 26.90 -28.42 -16.02
C GLU A 348 27.55 -29.46 -15.12
N ASP A 349 28.85 -29.30 -14.85
CA ASP A 349 29.55 -30.17 -13.91
C ASP A 349 28.92 -30.06 -12.53
N PHE A 350 28.67 -28.83 -12.10
CA PHE A 350 27.99 -28.58 -10.84
C PHE A 350 26.54 -29.03 -10.92
N LYS A 351 25.96 -28.87 -12.11
CA LYS A 351 24.56 -29.24 -12.34
C LYS A 351 24.31 -30.73 -12.12
N VAL A 352 25.23 -31.56 -12.60
CA VAL A 352 25.10 -33.00 -12.45
C VAL A 352 25.30 -33.44 -11.00
N GLY A 353 26.49 -33.17 -10.46
CA GLY A 353 26.79 -33.52 -9.08
C GLY A 353 28.28 -33.76 -8.86
N LYS A 354 29.09 -33.35 -9.82
CA LYS A 354 30.54 -33.51 -9.72
C LYS A 354 31.15 -32.44 -8.83
N ILE A 355 30.84 -31.18 -9.14
CA ILE A 355 31.35 -30.05 -8.37
C ILE A 355 30.40 -29.71 -7.22
N ASN A 356 30.98 -29.42 -6.06
CA ASN A 356 30.19 -29.10 -4.87
C ASN A 356 30.04 -27.60 -4.64
N ILE A 357 31.10 -26.85 -4.94
CA ILE A 357 31.10 -25.40 -4.75
C ILE A 357 31.49 -24.68 -6.03
N LEU A 358 30.68 -23.72 -6.45
CA LEU A 358 30.96 -22.95 -7.65
C LEU A 358 31.28 -21.49 -7.31
N ILE A 359 32.42 -21.01 -7.79
CA ILE A 359 32.86 -19.65 -7.48
C ILE A 359 32.73 -18.73 -8.70
N GLY A 360 32.18 -17.53 -8.46
CA GLY A 360 32.00 -16.56 -9.53
C GLY A 360 32.28 -15.13 -9.10
N VAL A 361 32.11 -14.20 -10.03
CA VAL A 361 32.33 -12.79 -9.77
C VAL A 361 31.00 -12.04 -9.77
N GLN A 362 30.97 -10.84 -9.20
CA GLN A 362 29.76 -10.04 -9.06
C GLN A 362 29.06 -9.79 -10.41
N ALA A 363 29.85 -9.45 -11.43
CA ALA A 363 29.29 -9.11 -12.73
C ALA A 363 29.44 -10.26 -13.73
N TYR A 364 30.35 -11.19 -13.44
CA TYR A 364 30.61 -12.30 -14.35
C TYR A 364 29.55 -13.39 -14.29
N TYR A 365 28.75 -13.40 -13.23
CA TYR A 365 27.72 -14.43 -13.08
C TYR A 365 26.32 -13.83 -12.98
N GLY A 366 26.24 -12.55 -12.61
CA GLY A 366 24.96 -11.86 -12.58
C GLY A 366 24.51 -11.44 -13.96
N LYS A 367 25.24 -11.90 -14.98
CA LYS A 367 24.95 -11.53 -16.36
C LYS A 367 25.18 -12.71 -17.31
N LEU A 368 26.03 -13.65 -16.91
CA LEU A 368 26.38 -14.77 -17.77
C LEU A 368 25.71 -16.08 -17.36
N THR A 369 24.57 -15.98 -16.68
CA THR A 369 23.77 -17.16 -16.35
C THR A 369 22.47 -17.11 -17.13
N ARG A 370 22.54 -16.50 -18.32
CA ARG A 370 21.37 -16.25 -19.16
C ARG A 370 20.79 -17.54 -19.74
N GLY A 371 21.43 -18.66 -19.44
CA GLY A 371 20.97 -19.95 -19.93
C GLY A 371 19.71 -20.44 -19.26
N VAL A 372 19.86 -21.11 -18.12
CA VAL A 372 18.71 -21.67 -17.40
C VAL A 372 18.72 -21.23 -15.94
N ASP A 373 19.91 -21.26 -15.32
CA ASP A 373 20.08 -20.91 -13.91
C ASP A 373 19.23 -21.80 -13.00
N LEU A 374 19.76 -22.98 -12.69
CA LEU A 374 19.03 -23.99 -11.93
C LEU A 374 19.11 -23.76 -10.42
N PRO A 375 17.97 -23.46 -9.80
CA PRO A 375 17.90 -23.12 -8.38
C PRO A 375 17.64 -24.33 -7.48
N GLU A 376 17.62 -25.54 -8.05
CA GLU A 376 17.36 -26.74 -7.27
C GLU A 376 18.67 -27.37 -6.81
N ARG A 377 19.78 -26.80 -7.26
CA ARG A 377 21.11 -27.26 -6.86
C ARG A 377 21.76 -26.28 -5.89
N ILE A 378 21.53 -24.98 -6.13
CA ILE A 378 22.09 -23.94 -5.29
C ILE A 378 21.25 -23.77 -4.03
N LYS A 379 21.85 -24.10 -2.88
CA LYS A 379 21.14 -24.02 -1.62
C LYS A 379 21.72 -22.92 -0.72
N TYR A 380 22.97 -22.55 -0.99
CA TYR A 380 23.64 -21.52 -0.20
C TYR A 380 24.48 -20.61 -1.09
N VAL A 381 24.23 -19.31 -1.01
CA VAL A 381 24.96 -18.33 -1.79
C VAL A 381 25.87 -17.49 -0.90
N ILE A 382 27.18 -17.54 -1.17
CA ILE A 382 28.16 -16.83 -0.36
C ILE A 382 28.63 -15.55 -1.06
N PHE A 383 28.51 -14.42 -0.35
CA PHE A 383 28.98 -13.15 -0.87
C PHE A 383 30.29 -12.74 -0.20
N TRP A 384 31.40 -12.89 -0.93
CA TRP A 384 32.69 -12.48 -0.42
C TRP A 384 32.90 -11.00 -0.68
N GLY A 385 32.32 -10.18 0.18
CA GLY A 385 32.34 -8.73 0.00
C GLY A 385 31.04 -8.27 -0.61
N THR A 386 30.42 -7.26 0.01
CA THR A 386 29.14 -6.74 -0.44
C THR A 386 29.22 -6.19 -1.87
N PRO A 387 28.32 -6.65 -2.74
CA PRO A 387 28.21 -6.14 -4.11
C PRO A 387 28.00 -4.64 -4.09
N SER A 388 28.97 -3.89 -4.60
CA SER A 388 28.92 -2.43 -4.52
C SER A 388 29.66 -1.76 -5.67
N MET A 389 29.39 -0.47 -5.85
CA MET A 389 30.07 0.34 -6.86
C MET A 389 30.89 1.42 -6.18
N ARG A 390 32.03 1.77 -6.77
CA ARG A 390 32.93 2.74 -6.14
C ARG A 390 33.27 3.89 -7.08
N PHE A 391 33.38 5.10 -6.51
CA PHE A 391 33.68 6.28 -7.32
C PHE A 391 34.79 7.14 -6.70
N SER A 392 35.77 7.50 -7.51
CA SER A 392 36.88 8.33 -7.02
C SER A 392 36.48 9.80 -6.91
N LEU A 393 36.92 10.43 -5.81
CA LEU A 393 36.60 11.82 -5.54
C LEU A 393 37.88 12.65 -5.41
N GLU A 394 38.24 13.33 -6.50
CA GLU A 394 39.46 14.13 -6.55
C GLU A 394 39.16 15.51 -7.13
N LEU A 395 39.72 15.76 -8.31
CA LEU A 395 39.35 16.91 -9.12
C LEU A 395 38.34 16.44 -10.16
N ASP A 396 38.67 15.35 -10.84
CA ASP A 396 37.76 14.71 -11.77
C ASP A 396 37.30 13.39 -11.18
N LYS A 397 36.84 12.48 -12.03
CA LYS A 397 36.44 11.13 -11.63
C LYS A 397 35.19 11.08 -10.75
N ALA A 398 34.80 12.24 -10.21
CA ALA A 398 33.54 12.37 -9.49
C ALA A 398 32.44 12.55 -10.51
N PRO A 399 31.44 11.64 -10.51
CA PRO A 399 30.34 11.67 -11.48
C PRO A 399 29.45 12.90 -11.33
N ARG A 400 28.49 13.05 -12.24
CA ARG A 400 27.63 14.22 -12.30
C ARG A 400 26.86 14.48 -11.01
N PHE A 401 26.25 13.43 -10.47
CA PHE A 401 25.42 13.58 -9.27
C PHE A 401 26.21 13.97 -8.03
N VAL A 402 27.46 13.51 -7.96
CA VAL A 402 28.32 13.84 -6.82
C VAL A 402 28.56 15.35 -6.71
N LEU A 403 28.95 15.97 -7.82
CA LEU A 403 29.13 17.42 -7.83
C LEU A 403 27.77 18.11 -7.74
N ALA A 404 26.75 17.48 -8.32
CA ALA A 404 25.41 18.07 -8.35
C ALA A 404 24.85 18.31 -6.96
N ARG A 405 24.78 17.26 -6.15
CA ARG A 405 24.22 17.37 -4.81
C ARG A 405 24.99 18.38 -3.95
N VAL A 406 26.29 18.46 -4.15
CA VAL A 406 27.12 19.42 -3.44
C VAL A 406 26.78 20.85 -3.87
N LEU A 407 27.09 21.15 -5.12
CA LEU A 407 26.96 22.51 -5.65
C LEU A 407 25.54 23.07 -5.59
N LYS A 408 24.54 22.20 -5.74
CA LYS A 408 23.15 22.61 -5.66
C LYS A 408 22.83 23.24 -4.32
N GLU A 409 23.38 22.65 -3.26
CA GLU A 409 23.19 23.16 -1.91
C GLU A 409 24.24 24.23 -1.62
N MET A 410 25.30 24.24 -2.42
CA MET A 410 26.37 25.23 -2.27
C MET A 410 26.01 26.55 -2.97
N GLY A 411 25.95 26.52 -4.30
CA GLY A 411 25.43 27.67 -5.04
C GLY A 411 25.94 27.93 -6.45
N LEU A 412 25.82 26.92 -7.29
CA LEU A 412 26.14 27.14 -8.69
C LEU A 412 25.25 26.47 -9.72
N ILE A 413 24.64 25.36 -9.36
CA ILE A 413 23.89 24.59 -10.35
C ILE A 413 22.35 24.72 -10.31
N LYS A 414 21.85 25.67 -9.54
CA LYS A 414 20.43 25.93 -9.45
C LYS A 414 19.84 26.44 -10.75
N ALA A 415 20.70 26.94 -11.65
CA ALA A 415 20.25 27.49 -12.92
C ALA A 415 19.69 26.42 -13.84
N GLN A 416 18.46 25.99 -13.57
CA GLN A 416 17.77 24.98 -14.37
C GLN A 416 18.53 23.66 -14.49
N GLU A 417 19.42 23.41 -13.53
CA GLU A 417 20.20 22.17 -13.49
C GLU A 417 20.99 21.92 -14.77
N ASN A 418 21.87 22.86 -15.12
CA ASN A 418 22.70 22.75 -16.32
C ASN A 418 23.86 21.79 -16.12
N PRO A 419 23.85 20.65 -16.84
CA PRO A 419 24.87 19.61 -16.68
C PRO A 419 26.10 19.83 -17.55
N ASP A 420 27.25 20.03 -16.91
CA ASP A 420 28.52 20.20 -17.61
C ASP A 420 29.68 19.79 -16.71
N VAL A 421 30.33 18.67 -17.05
CA VAL A 421 31.42 18.12 -16.23
C VAL A 421 32.59 19.08 -16.07
N GLU A 422 33.01 19.69 -17.18
CA GLU A 422 34.10 20.65 -17.18
C GLU A 422 33.82 21.78 -16.19
N GLU A 423 32.59 22.29 -16.24
CA GLU A 423 32.17 23.35 -15.32
C GLU A 423 32.30 22.89 -13.87
N LEU A 424 31.79 21.69 -13.58
CA LEU A 424 31.89 21.10 -12.25
C LEU A 424 33.35 21.09 -11.77
N ARG A 425 34.25 20.71 -12.68
CA ARG A 425 35.68 20.71 -12.39
C ARG A 425 36.17 22.12 -12.06
N LYS A 426 35.75 23.10 -12.86
CA LYS A 426 36.13 24.49 -12.65
C LYS A 426 35.71 24.99 -11.27
N ILE A 427 34.43 24.82 -10.95
CA ILE A 427 33.88 25.24 -9.67
C ILE A 427 34.61 24.54 -8.53
N ALA A 428 34.91 23.26 -8.74
CA ALA A 428 35.65 22.48 -7.77
C ALA A 428 37.00 23.12 -7.49
N LYS A 429 37.70 23.51 -8.55
CA LYS A 429 39.00 24.17 -8.42
C LYS A 429 38.88 25.50 -7.68
N GLU A 430 37.87 26.27 -8.05
CA GLU A 430 37.70 27.63 -7.53
C GLU A 430 37.34 27.67 -6.05
N HIS A 431 36.21 27.04 -5.70
CA HIS A 431 35.65 27.20 -4.36
C HIS A 431 36.15 26.18 -3.34
N LEU A 432 36.20 24.90 -3.74
CA LEU A 432 36.52 23.84 -2.79
C LEU A 432 37.97 23.35 -2.87
N THR A 433 38.55 23.10 -1.71
CA THR A 433 39.80 22.35 -1.66
C THR A 433 39.42 20.89 -1.48
N GLN A 434 40.37 19.99 -1.73
CA GLN A 434 40.12 18.55 -1.66
C GLN A 434 39.53 18.17 -0.30
N LYS A 435 40.14 18.70 0.75
CA LYS A 435 39.67 18.51 2.12
C LYS A 435 38.22 18.98 2.27
N GLU A 436 37.97 20.24 1.94
CA GLU A 436 36.63 20.82 2.04
C GLU A 436 35.65 20.08 1.15
N PHE A 437 36.12 19.59 0.01
CA PHE A 437 35.29 18.82 -0.91
C PHE A 437 34.80 17.53 -0.26
N VAL A 438 35.75 16.72 0.22
CA VAL A 438 35.41 15.46 0.89
C VAL A 438 34.52 15.72 2.10
N GLU A 439 34.82 16.79 2.83
CA GLU A 439 34.00 17.21 3.97
C GLU A 439 32.55 17.45 3.56
N LYS A 440 32.35 18.27 2.55
CA LYS A 440 31.01 18.63 2.09
C LYS A 440 30.25 17.44 1.49
N VAL A 441 30.96 16.57 0.77
CA VAL A 441 30.35 15.39 0.20
C VAL A 441 29.90 14.43 1.29
N LYS A 442 30.77 14.19 2.26
CA LYS A 442 30.45 13.32 3.39
C LYS A 442 29.38 13.95 4.27
N GLU A 443 29.22 15.26 4.14
CA GLU A 443 28.23 16.00 4.92
C GLU A 443 26.84 15.94 4.28
N MET A 444 26.80 15.97 2.95
CA MET A 444 25.54 15.95 2.21
C MET A 444 25.04 14.52 1.95
N PHE A 445 25.90 13.71 1.36
CA PHE A 445 25.54 12.34 1.01
C PHE A 445 25.25 11.48 2.24
N ARG A 446 23.98 11.11 2.40
CA ARG A 446 23.57 10.24 3.50
C ARG A 446 23.10 8.91 2.94
N GLY A 447 23.20 7.85 3.73
CA GLY A 447 22.72 6.55 3.32
C GLY A 447 23.76 5.73 2.56
N VAL A 448 24.82 6.40 2.11
CA VAL A 448 25.89 5.72 1.40
C VAL A 448 27.13 5.61 2.28
N VAL A 449 28.25 5.21 1.67
CA VAL A 449 29.49 5.05 2.41
C VAL A 449 30.59 5.92 1.80
N VAL A 450 31.04 6.92 2.55
CA VAL A 450 32.08 7.83 2.08
C VAL A 450 33.42 7.51 2.73
N LYS A 451 34.35 7.03 1.91
CA LYS A 451 35.70 6.70 2.37
C LYS A 451 36.68 7.80 2.00
N ASP A 452 37.07 8.60 2.99
CA ASP A 452 38.01 9.70 2.78
C ASP A 452 39.43 9.16 2.63
N GLU A 453 39.66 7.94 3.08
CA GLU A 453 40.98 7.33 3.02
C GLU A 453 41.40 7.00 1.58
N ASP A 454 40.62 6.15 0.93
CA ASP A 454 40.90 5.76 -0.46
C ASP A 454 40.27 6.73 -1.45
N LEU A 455 39.65 7.79 -0.93
CA LEU A 455 38.92 8.75 -1.75
C LEU A 455 37.85 8.05 -2.60
N GLU A 456 37.10 7.14 -1.97
CA GLU A 456 36.11 6.35 -2.68
C GLU A 456 34.71 6.46 -2.10
N LEU A 457 33.73 6.64 -2.96
CA LEU A 457 32.33 6.63 -2.57
C LEU A 457 31.75 5.26 -2.92
N ILE A 458 31.27 4.55 -1.91
CA ILE A 458 30.76 3.20 -2.08
C ILE A 458 29.24 3.15 -2.01
N ILE A 459 28.62 2.61 -3.05
CA ILE A 459 27.18 2.43 -3.09
C ILE A 459 26.85 0.95 -3.23
N PRO A 460 26.30 0.34 -2.16
CA PRO A 460 25.95 -1.08 -2.14
C PRO A 460 24.89 -1.42 -3.19
N ASP A 461 25.28 -2.20 -4.20
CA ASP A 461 24.35 -2.61 -5.25
C ASP A 461 23.33 -3.60 -4.68
N VAL A 462 22.22 -3.07 -4.18
CA VAL A 462 21.18 -3.91 -3.58
C VAL A 462 20.52 -4.83 -4.62
N TYR A 463 20.31 -4.30 -5.82
CA TYR A 463 19.71 -5.06 -6.91
C TYR A 463 20.52 -6.32 -7.22
N THR A 464 21.83 -6.14 -7.41
CA THR A 464 22.74 -7.25 -7.70
C THR A 464 22.67 -8.31 -6.61
N TYR A 465 22.78 -7.86 -5.36
CA TYR A 465 22.71 -8.76 -4.21
C TYR A 465 21.42 -9.55 -4.17
N ILE A 466 20.31 -8.90 -4.51
CA ILE A 466 19.00 -9.56 -4.52
C ILE A 466 18.88 -10.60 -5.63
N GLN A 467 19.21 -10.18 -6.86
CA GLN A 467 19.15 -11.09 -8.01
C GLN A 467 20.07 -12.29 -7.83
N ALA A 468 21.20 -12.06 -7.17
CA ALA A 468 22.14 -13.14 -6.91
C ALA A 468 21.65 -14.05 -5.78
N SER A 469 21.08 -13.46 -4.74
CA SER A 469 20.60 -14.22 -3.59
C SER A 469 19.40 -15.09 -3.96
N GLY A 470 18.60 -14.62 -4.90
CA GLY A 470 17.39 -15.32 -5.29
C GLY A 470 17.62 -16.66 -5.98
N ARG A 471 18.88 -16.98 -6.26
CA ARG A 471 19.21 -18.22 -6.93
C ARG A 471 19.25 -19.40 -5.97
N SER A 472 18.91 -19.14 -4.71
CA SER A 472 18.88 -20.20 -3.70
C SER A 472 17.46 -20.45 -3.22
N SER A 473 16.51 -19.72 -3.79
CA SER A 473 15.10 -19.85 -3.40
C SER A 473 14.16 -19.57 -4.57
N ARG A 474 13.28 -20.52 -4.85
CA ARG A 474 12.31 -20.38 -5.93
C ARG A 474 11.19 -21.40 -5.74
N ILE A 475 10.09 -21.22 -6.46
CA ILE A 475 8.96 -22.13 -6.38
C ILE A 475 9.19 -23.37 -7.24
N LEU A 476 9.65 -24.45 -6.61
CA LEU A 476 9.92 -25.70 -7.32
C LEU A 476 8.89 -26.76 -6.99
N ASN A 477 8.15 -27.20 -8.00
CA ASN A 477 7.08 -28.18 -7.85
C ASN A 477 6.05 -27.73 -6.81
N GLY A 478 5.60 -26.48 -6.95
CA GLY A 478 4.59 -25.94 -6.05
C GLY A 478 5.06 -25.72 -4.63
N VAL A 479 6.37 -25.89 -4.40
CA VAL A 479 6.94 -25.74 -3.07
C VAL A 479 8.13 -24.79 -3.07
N LEU A 480 8.04 -23.74 -2.25
CA LEU A 480 9.10 -22.74 -2.16
C LEU A 480 10.24 -23.23 -1.26
N VAL A 481 11.35 -23.61 -1.88
CA VAL A 481 12.52 -24.06 -1.13
C VAL A 481 13.12 -22.94 -0.31
N LYS A 482 13.93 -23.31 0.68
CA LYS A 482 14.52 -22.34 1.60
C LYS A 482 15.95 -22.01 1.20
N GLY A 483 16.26 -20.71 1.13
CA GLY A 483 17.58 -20.28 0.72
C GLY A 483 18.39 -19.73 1.88
N VAL A 484 19.71 -19.64 1.67
CA VAL A 484 20.62 -19.09 2.68
C VAL A 484 21.66 -18.20 2.00
N SER A 485 21.73 -16.94 2.42
CA SER A 485 22.68 -16.00 1.85
C SER A 485 23.60 -15.43 2.93
N VAL A 486 24.89 -15.71 2.80
CA VAL A 486 25.87 -15.24 3.78
C VAL A 486 26.78 -14.16 3.20
N ILE A 487 26.87 -13.03 3.90
CA ILE A 487 27.71 -11.92 3.44
C ILE A 487 28.97 -11.78 4.29
N PHE A 488 30.12 -11.69 3.62
CA PHE A 488 31.38 -11.46 4.31
C PHE A 488 31.83 -10.01 4.15
N GLU A 489 31.43 -9.16 5.09
CA GLU A 489 31.79 -7.74 5.04
C GLU A 489 32.37 -7.27 6.38
N GLU A 490 33.60 -6.77 6.34
CA GLU A 490 34.28 -6.34 7.55
C GLU A 490 33.91 -4.91 7.96
N ASP A 491 33.59 -4.07 6.99
CA ASP A 491 33.22 -2.68 7.26
C ASP A 491 31.73 -2.58 7.62
N GLU A 492 31.44 -2.03 8.79
CA GLU A 492 30.08 -1.97 9.31
C GLU A 492 29.19 -1.00 8.52
N GLU A 493 29.82 0.03 7.96
CA GLU A 493 29.09 1.05 7.19
C GLU A 493 28.42 0.47 5.96
N ILE A 494 29.19 -0.27 5.15
CA ILE A 494 28.68 -0.88 3.94
C ILE A 494 27.57 -1.87 4.26
N PHE A 495 27.79 -2.69 5.27
CA PHE A 495 26.79 -3.67 5.70
C PHE A 495 25.50 -3.00 6.17
N GLU A 496 25.64 -1.86 6.84
CA GLU A 496 24.47 -1.12 7.33
C GLU A 496 23.69 -0.48 6.20
N SER A 497 24.39 0.15 5.26
CA SER A 497 23.75 0.77 4.11
C SER A 497 23.00 -0.28 3.31
N LEU A 498 23.71 -1.37 3.00
CA LEU A 498 23.14 -2.50 2.28
C LEU A 498 21.90 -3.04 3.01
N LYS A 499 22.00 -3.13 4.34
CA LYS A 499 20.90 -3.65 5.14
C LYS A 499 19.67 -2.74 5.09
N THR A 500 19.90 -1.43 5.10
CA THR A 500 18.79 -0.48 5.02
C THR A 500 18.12 -0.52 3.66
N ARG A 501 18.92 -0.48 2.60
CA ARG A 501 18.33 -0.48 1.25
C ARG A 501 17.80 -1.86 0.84
N LEU A 502 18.15 -2.88 1.61
CA LEU A 502 17.56 -4.21 1.41
C LEU A 502 16.24 -4.28 2.17
N LEU A 503 16.22 -3.68 3.35
CA LEU A 503 14.99 -3.58 4.14
C LEU A 503 13.98 -2.69 3.43
N LEU A 504 14.49 -1.87 2.51
CA LEU A 504 13.66 -0.93 1.78
C LEU A 504 12.93 -1.59 0.62
N ILE A 505 13.67 -2.32 -0.21
CA ILE A 505 13.10 -2.94 -1.41
C ILE A 505 12.50 -4.31 -1.14
N ALA A 506 13.36 -5.29 -0.89
CA ALA A 506 12.93 -6.67 -0.72
C ALA A 506 12.16 -6.91 0.56
N GLU A 507 12.19 -5.92 1.46
CA GLU A 507 11.57 -6.02 2.77
C GLU A 507 12.09 -7.24 3.53
N GLU A 508 13.38 -7.49 3.39
CA GLU A 508 14.03 -8.61 4.07
C GLU A 508 15.13 -8.10 4.99
N GLU A 509 15.40 -8.85 6.06
CA GLU A 509 16.36 -8.42 7.07
C GLU A 509 17.57 -9.35 7.11
N ILE A 510 18.66 -8.86 7.70
CA ILE A 510 19.87 -9.65 7.83
C ILE A 510 20.28 -9.76 9.29
N ILE A 511 20.59 -10.97 9.74
CA ILE A 511 20.99 -11.20 11.12
C ILE A 511 22.49 -11.44 11.25
N GLU A 512 23.04 -11.10 12.41
CA GLU A 512 24.46 -11.32 12.68
C GLU A 512 24.72 -12.81 12.85
N GLU A 513 25.99 -13.20 12.79
CA GLU A 513 26.38 -14.60 12.85
C GLU A 513 25.98 -15.26 14.17
N ALA A 514 26.15 -14.52 15.27
CA ALA A 514 25.90 -15.05 16.60
C ALA A 514 24.45 -15.49 16.81
N GLU A 515 23.52 -14.67 16.32
CA GLU A 515 22.10 -14.95 16.49
C GLU A 515 21.54 -15.83 15.36
N ALA A 516 22.31 -16.85 14.98
CA ALA A 516 21.90 -17.74 13.90
C ALA A 516 22.30 -19.19 14.16
N ASN A 517 21.32 -20.09 14.14
CA ASN A 517 21.58 -21.52 14.29
C ASN A 517 21.83 -22.15 12.92
N TRP A 518 23.04 -22.64 12.70
CA TRP A 518 23.46 -23.10 11.38
C TRP A 518 22.92 -24.46 10.97
N LYS A 519 23.20 -25.49 11.78
CA LYS A 519 22.76 -26.85 11.49
C LYS A 519 21.24 -26.91 11.29
N GLU A 520 20.53 -26.10 12.07
CA GLU A 520 19.08 -26.00 11.97
C GLU A 520 18.67 -25.45 10.60
N LEU A 521 19.29 -24.35 10.19
CA LEU A 521 18.97 -23.73 8.91
C LEU A 521 19.29 -24.64 7.73
N VAL A 522 20.46 -25.27 7.77
CA VAL A 522 20.86 -26.24 6.76
C VAL A 522 19.84 -27.37 6.67
N HIS A 523 19.46 -27.88 7.83
CA HIS A 523 18.47 -28.94 7.92
C HIS A 523 17.14 -28.52 7.30
N GLU A 524 16.76 -27.27 7.54
CA GLU A 524 15.53 -26.72 6.99
C GLU A 524 15.60 -26.58 5.47
N VAL A 525 16.77 -26.20 4.97
CA VAL A 525 16.99 -26.05 3.53
C VAL A 525 16.87 -27.40 2.84
N GLU A 526 17.62 -28.39 3.33
CA GLU A 526 17.59 -29.73 2.78
C GLU A 526 16.20 -30.35 2.92
N GLU A 527 15.50 -29.99 3.99
CA GLU A 527 14.15 -30.47 4.24
C GLU A 527 13.18 -29.90 3.23
N SER A 528 13.34 -28.61 2.90
CA SER A 528 12.51 -27.96 1.90
C SER A 528 12.79 -28.58 0.54
N ARG A 529 14.06 -28.90 0.29
CA ARG A 529 14.46 -29.56 -0.95
C ARG A 529 13.77 -30.92 -1.10
N ARG A 530 13.95 -31.80 -0.12
CA ARG A 530 13.38 -33.14 -0.18
C ARG A 530 11.85 -33.12 -0.12
N ARG A 531 11.28 -32.07 0.47
CA ARG A 531 9.83 -31.91 0.49
C ARG A 531 9.35 -31.50 -0.89
N SER A 532 10.18 -30.73 -1.60
CA SER A 532 9.86 -30.33 -2.96
C SER A 532 10.03 -31.49 -3.93
N GLU A 533 10.91 -32.43 -3.57
CA GLU A 533 11.19 -33.58 -4.42
C GLU A 533 10.05 -34.60 -4.41
N ARG A 534 9.41 -34.78 -3.26
CA ARG A 534 8.31 -35.73 -3.12
C ARG A 534 7.15 -35.39 -4.05
N GLU A 535 6.29 -36.37 -4.31
CA GLU A 535 5.14 -36.17 -5.20
C GLU A 535 4.25 -35.03 -4.70
N LEU A 536 4.08 -34.03 -5.55
CA LEU A 536 3.32 -32.84 -5.18
C LEU A 536 1.83 -33.10 -5.04
N THR A 537 1.38 -33.26 -3.80
CA THR A 537 -0.04 -33.17 -3.50
C THR A 537 -0.34 -31.68 -3.37
N ASP A 538 -1.12 -31.15 -4.32
CA ASP A 538 -1.26 -29.70 -4.48
C ASP A 538 -1.76 -29.00 -3.21
N THR A 539 -1.29 -27.77 -3.01
CA THR A 539 -1.62 -27.00 -1.81
C THR A 539 -1.87 -25.54 -2.15
N SER A 540 -1.59 -25.16 -3.40
CA SER A 540 -1.75 -23.78 -3.85
C SER A 540 -3.21 -23.35 -3.80
N ARG A 541 -3.43 -22.08 -3.46
CA ARG A 541 -4.78 -21.54 -3.37
C ARG A 541 -4.86 -20.12 -3.95
N SER A 542 -6.04 -19.75 -4.42
CA SER A 542 -6.26 -18.39 -4.92
C SER A 542 -6.83 -17.51 -3.80
N LEU A 543 -6.35 -16.28 -3.71
CA LEU A 543 -6.69 -15.40 -2.60
C LEU A 543 -7.08 -14.00 -3.07
N LEU A 544 -8.14 -13.46 -2.49
CA LEU A 544 -8.63 -12.13 -2.86
C LEU A 544 -8.54 -11.12 -1.71
N ILE A 545 -7.93 -9.98 -1.98
CA ILE A 545 -7.82 -8.90 -1.00
C ILE A 545 -8.53 -7.65 -1.52
N ILE A 546 -9.31 -7.01 -0.67
CA ILE A 546 -10.06 -5.82 -1.07
C ILE A 546 -9.66 -4.59 -0.25
N VAL A 547 -9.23 -3.55 -0.95
CA VAL A 547 -8.88 -2.28 -0.31
C VAL A 547 -9.78 -1.15 -0.82
N GLU A 548 -9.82 -0.05 -0.09
CA GLU A 548 -10.74 1.04 -0.40
C GLU A 548 -10.08 2.18 -1.18
N SER A 549 -8.76 2.16 -1.28
CA SER A 549 -8.03 3.20 -2.01
C SER A 549 -6.97 2.60 -2.93
N PRO A 550 -6.89 3.12 -4.17
CA PRO A 550 -5.96 2.64 -5.19
C PRO A 550 -4.51 2.66 -4.74
N THR A 551 -4.13 3.69 -3.98
CA THR A 551 -2.76 3.85 -3.50
C THR A 551 -2.31 2.61 -2.72
N LYS A 552 -3.18 2.12 -1.84
CA LYS A 552 -2.91 0.92 -1.07
C LYS A 552 -2.55 -0.26 -1.96
N ALA A 553 -3.38 -0.52 -2.97
CA ALA A 553 -3.15 -1.60 -3.92
C ALA A 553 -1.85 -1.41 -4.69
N GLU A 554 -1.56 -0.16 -5.03
CA GLU A 554 -0.33 0.19 -5.73
C GLU A 554 0.89 -0.19 -4.90
N THR A 555 0.82 0.09 -3.60
CA THR A 555 1.95 -0.18 -2.72
C THR A 555 1.98 -1.63 -2.21
N LEU A 556 0.87 -2.34 -2.42
CA LEU A 556 0.81 -3.77 -2.11
C LEU A 556 1.46 -4.54 -3.25
N SER A 557 1.14 -4.14 -4.47
CA SER A 557 1.66 -4.76 -5.68
C SER A 557 3.18 -4.83 -5.69
N ARG A 558 3.81 -3.83 -5.09
CA ARG A 558 5.27 -3.78 -5.05
C ARG A 558 5.88 -4.93 -4.26
N PHE A 559 5.37 -5.18 -3.06
CA PHE A 559 5.92 -6.26 -2.24
C PHE A 559 5.16 -7.58 -2.37
N LEU A 560 4.19 -7.62 -3.30
CA LEU A 560 3.51 -8.87 -3.60
C LEU A 560 4.03 -9.47 -4.91
N GLY A 561 4.21 -8.61 -5.91
CA GLY A 561 4.72 -9.04 -7.19
C GLY A 561 3.67 -9.02 -8.29
N ARG A 562 3.10 -7.84 -8.53
CA ARG A 562 2.07 -7.67 -9.54
C ARG A 562 2.59 -8.04 -10.93
N ALA A 563 2.00 -9.07 -11.51
CA ALA A 563 2.36 -9.50 -12.86
C ALA A 563 1.32 -9.03 -13.87
N SER A 564 0.11 -9.58 -13.75
CA SER A 564 -0.97 -9.25 -14.66
C SER A 564 -2.06 -8.43 -13.98
N SER A 565 -2.88 -7.74 -14.79
CA SER A 565 -3.94 -6.90 -14.26
C SER A 565 -5.22 -7.02 -15.08
N ARG A 566 -6.21 -7.71 -14.52
CA ARG A 566 -7.52 -7.81 -15.14
C ARG A 566 -8.31 -6.52 -14.90
N LYS A 567 -9.05 -6.08 -15.91
CA LYS A 567 -9.96 -4.95 -15.73
C LYS A 567 -11.40 -5.44 -15.65
N GLU A 568 -11.97 -5.43 -14.45
CA GLU A 568 -13.32 -5.92 -14.25
C GLU A 568 -14.32 -4.78 -14.06
N ARG A 569 -15.10 -4.50 -15.10
CA ARG A 569 -16.13 -3.46 -15.09
C ARG A 569 -15.61 -2.11 -14.64
N ASN A 570 -16.07 -1.69 -13.47
CA ASN A 570 -15.77 -0.37 -12.93
C ASN A 570 -14.43 -0.32 -12.20
N ILE A 571 -13.85 -1.48 -11.96
CA ILE A 571 -12.59 -1.56 -11.21
C ILE A 571 -11.49 -2.32 -11.93
N ILE A 572 -10.28 -2.25 -11.37
CA ILE A 572 -9.14 -2.99 -11.91
C ILE A 572 -8.50 -3.84 -10.81
N VAL A 573 -8.46 -5.15 -11.05
CA VAL A 573 -7.89 -6.09 -10.09
C VAL A 573 -6.54 -6.63 -10.58
N HIS A 574 -5.51 -6.50 -9.74
CA HIS A 574 -4.19 -7.00 -10.08
C HIS A 574 -3.97 -8.39 -9.46
N GLU A 575 -3.25 -9.23 -10.17
CA GLU A 575 -2.94 -10.58 -9.68
C GLU A 575 -1.44 -10.79 -9.52
N ALA A 576 -1.06 -11.45 -8.42
CA ALA A 576 0.34 -11.67 -8.11
C ALA A 576 0.61 -13.12 -7.71
N VAL A 577 1.78 -13.61 -8.11
CA VAL A 577 2.18 -14.98 -7.80
C VAL A 577 3.08 -15.04 -6.57
N THR A 578 2.62 -15.72 -5.53
CA THR A 578 3.43 -15.94 -4.33
C THR A 578 3.72 -17.42 -4.15
N GLY A 579 4.27 -17.78 -3.00
CA GLY A 579 4.60 -19.16 -2.72
C GLY A 579 3.38 -20.01 -2.39
N GLU A 580 2.49 -19.44 -1.59
CA GLU A 580 1.29 -20.16 -1.15
C GLU A 580 0.26 -20.32 -2.27
N GLY A 581 0.40 -19.54 -3.33
CA GLY A 581 -0.53 -19.59 -4.45
C GLY A 581 -0.70 -18.27 -5.15
N VAL A 582 -1.92 -18.02 -5.66
CA VAL A 582 -2.23 -16.76 -6.34
C VAL A 582 -2.88 -15.78 -5.37
N ILE A 583 -2.54 -14.50 -5.49
CA ILE A 583 -3.17 -13.47 -4.68
C ILE A 583 -3.73 -12.33 -5.53
N LEU A 584 -5.03 -12.09 -5.39
CA LEU A 584 -5.71 -11.06 -6.15
C LEU A 584 -6.02 -9.87 -5.25
N PHE A 585 -5.73 -8.66 -5.73
CA PHE A 585 -6.07 -7.45 -4.97
C PHE A 585 -6.64 -6.36 -5.85
N THR A 586 -7.72 -5.74 -5.38
CA THR A 586 -8.42 -4.72 -6.16
C THR A 586 -8.82 -3.53 -5.29
N ALA A 587 -9.03 -2.39 -5.95
CA ALA A 587 -9.40 -1.16 -5.25
C ALA A 587 -10.88 -0.83 -5.43
N THR A 588 -11.50 -0.31 -4.38
CA THR A 588 -12.91 0.05 -4.42
C THR A 588 -13.08 1.54 -4.71
N ARG A 589 -12.05 2.32 -4.39
CA ARG A 589 -12.04 3.76 -4.58
C ARG A 589 -13.14 4.48 -3.80
N GLY A 590 -13.11 4.34 -2.47
CA GLY A 590 -14.04 5.03 -1.61
C GLY A 590 -15.14 4.15 -1.05
N HIS A 591 -16.25 4.77 -0.65
CA HIS A 591 -17.37 4.05 -0.07
C HIS A 591 -18.30 3.47 -1.14
N VAL A 592 -19.08 2.48 -0.74
CA VAL A 592 -20.02 1.83 -1.66
C VAL A 592 -21.47 2.17 -1.36
N TYR A 593 -21.83 2.18 -0.07
CA TYR A 593 -23.21 2.46 0.32
C TYR A 593 -23.30 3.68 1.25
N ASP A 594 -24.37 4.44 1.10
CA ASP A 594 -24.64 5.58 1.97
C ASP A 594 -26.13 5.86 2.07
N LEU A 595 -26.55 6.48 3.17
CA LEU A 595 -27.96 6.77 3.43
C LEU A 595 -28.61 7.61 2.34
N VAL A 596 -29.85 7.28 2.01
CA VAL A 596 -30.59 8.01 0.99
C VAL A 596 -31.59 8.97 1.64
N THR A 597 -31.70 10.16 1.07
CA THR A 597 -32.58 11.19 1.62
C THR A 597 -33.99 11.08 1.06
N LYS A 598 -34.31 9.92 0.49
CA LYS A 598 -35.60 9.69 -0.16
C LYS A 598 -36.77 9.74 0.83
N GLY A 599 -36.83 8.78 1.75
CA GLY A 599 -37.92 8.69 2.69
C GLY A 599 -37.51 8.41 4.12
N GLY A 600 -38.50 8.39 5.01
CA GLY A 600 -38.26 8.15 6.42
C GLY A 600 -37.88 9.41 7.17
N ILE A 601 -37.38 9.24 8.40
CA ILE A 601 -36.88 10.37 9.16
C ILE A 601 -35.60 10.87 8.50
N HIS A 602 -35.77 11.76 7.52
CA HIS A 602 -34.66 12.28 6.70
C HIS A 602 -33.96 11.21 5.85
N GLY A 603 -33.75 10.03 6.42
CA GLY A 603 -33.10 8.95 5.71
C GLY A 603 -33.38 7.57 6.28
N VAL A 604 -33.80 7.52 7.53
CA VAL A 604 -34.01 6.25 8.23
C VAL A 604 -35.50 5.95 8.46
N GLU A 605 -35.92 4.75 8.08
CA GLU A 605 -37.31 4.35 8.24
C GLU A 605 -37.57 3.66 9.58
N GLU A 606 -38.65 4.03 10.25
CA GLU A 606 -39.02 3.40 11.51
C GLU A 606 -40.04 2.29 11.30
N GLU A 607 -39.83 1.15 11.95
CA GLU A 607 -40.76 0.03 11.89
C GLU A 607 -40.59 -0.90 13.08
N ASN A 608 -41.72 -1.22 13.72
CA ASN A 608 -41.74 -2.03 14.94
C ASN A 608 -40.87 -1.47 16.06
N GLY A 609 -40.85 -0.14 16.19
CA GLY A 609 -40.09 0.52 17.22
C GLY A 609 -38.64 0.77 16.86
N LYS A 610 -37.98 -0.27 16.37
CA LYS A 610 -36.57 -0.17 16.00
C LYS A 610 -36.36 0.69 14.76
N PHE A 611 -35.15 1.22 14.60
CA PHE A 611 -34.82 2.06 13.45
C PHE A 611 -34.10 1.27 12.37
N VAL A 612 -34.47 1.52 11.12
CA VAL A 612 -33.86 0.83 9.99
C VAL A 612 -33.32 1.83 8.95
N PRO A 613 -32.00 1.97 8.89
CA PRO A 613 -31.33 2.80 7.89
C PRO A 613 -31.48 2.22 6.48
N VAL A 614 -31.73 3.07 5.50
CA VAL A 614 -31.84 2.65 4.12
C VAL A 614 -30.68 3.23 3.32
N TYR A 615 -29.86 2.36 2.75
CA TYR A 615 -28.67 2.79 2.04
C TYR A 615 -28.80 2.64 0.53
N ASN A 616 -27.80 3.14 -0.20
CA ASN A 616 -27.78 3.04 -1.66
C ASN A 616 -26.37 3.25 -2.19
N SER A 617 -26.11 2.76 -3.40
CA SER A 617 -24.81 2.89 -4.02
C SER A 617 -24.49 4.33 -4.42
N LEU A 618 -23.26 4.76 -4.15
CA LEU A 618 -22.85 6.13 -4.46
C LEU A 618 -22.45 6.30 -5.91
N LYS A 619 -22.57 7.53 -6.41
CA LYS A 619 -22.09 7.88 -7.74
C LYS A 619 -21.38 9.23 -7.68
N ARG A 620 -20.08 9.22 -7.93
CA ARG A 620 -19.33 10.47 -8.00
C ARG A 620 -19.06 10.85 -9.45
N CYS A 621 -19.29 12.11 -9.78
CA CYS A 621 -19.04 12.62 -11.12
C CYS A 621 -17.57 12.98 -11.22
N ARG A 622 -16.97 12.76 -12.39
CA ARG A 622 -15.56 13.10 -12.57
C ARG A 622 -15.42 14.51 -13.11
N ASP A 623 -16.52 15.06 -13.61
CA ASP A 623 -16.51 16.41 -14.17
C ASP A 623 -16.60 17.48 -13.09
N CYS A 624 -17.72 17.51 -12.38
CA CYS A 624 -17.95 18.50 -11.32
C CYS A 624 -17.48 17.98 -9.96
N GLY A 625 -17.68 16.68 -9.72
CA GLY A 625 -17.26 16.06 -8.49
C GLY A 625 -18.36 15.87 -7.46
N TYR A 626 -19.60 15.96 -7.91
CA TYR A 626 -20.73 15.83 -6.99
C TYR A 626 -21.07 14.37 -6.71
N GLN A 627 -21.23 14.04 -5.43
CA GLN A 627 -21.58 12.69 -5.02
C GLN A 627 -23.06 12.62 -4.64
N PHE A 628 -23.73 11.57 -5.12
CA PHE A 628 -25.14 11.37 -4.79
C PHE A 628 -25.47 9.89 -4.72
N THR A 629 -26.44 9.54 -3.88
CA THR A 629 -26.81 8.15 -3.67
C THR A 629 -27.95 7.73 -4.60
N GLU A 630 -28.72 8.71 -5.07
CA GLU A 630 -29.88 8.44 -5.90
C GLU A 630 -29.50 7.75 -7.21
N ASP A 631 -30.36 6.86 -7.68
CA ASP A 631 -30.11 6.13 -8.92
C ASP A 631 -30.38 6.96 -10.16
N ARG A 632 -29.55 7.99 -10.38
CA ARG A 632 -29.69 8.84 -11.55
C ARG A 632 -28.80 8.38 -12.70
N ASP A 633 -29.19 8.73 -13.92
CA ASP A 633 -28.39 8.43 -15.10
C ASP A 633 -27.48 9.60 -15.43
N GLU A 634 -28.05 10.80 -15.38
CA GLU A 634 -27.28 12.02 -15.57
C GLU A 634 -27.07 12.75 -14.25
N CYS A 635 -25.96 13.46 -14.15
CA CYS A 635 -25.62 14.20 -12.94
C CYS A 635 -26.63 15.33 -12.70
N PRO A 636 -27.09 15.48 -11.45
CA PRO A 636 -28.05 16.55 -11.12
C PRO A 636 -27.40 17.93 -11.11
N VAL A 637 -26.09 17.99 -11.28
CA VAL A 637 -25.37 19.25 -11.24
C VAL A 637 -24.93 19.71 -12.63
N CYS A 638 -24.16 18.88 -13.31
CA CYS A 638 -23.58 19.26 -14.59
C CYS A 638 -24.26 18.57 -15.77
N SER A 639 -25.17 17.64 -15.46
CA SER A 639 -25.94 16.92 -16.47
C SER A 639 -25.06 16.12 -17.44
N SER A 640 -23.97 15.58 -16.93
CA SER A 640 -23.08 14.75 -17.73
C SER A 640 -23.17 13.29 -17.32
N LYS A 641 -22.91 12.38 -18.26
CA LYS A 641 -23.06 10.96 -18.01
C LYS A 641 -21.82 10.33 -17.41
N ASN A 642 -20.71 11.04 -17.43
CA ASN A 642 -19.44 10.51 -16.93
C ASN A 642 -19.43 10.39 -15.41
N ILE A 643 -20.24 9.46 -14.89
CA ILE A 643 -20.32 9.23 -13.45
C ILE A 643 -19.66 7.91 -13.08
N ASP A 644 -19.48 7.69 -11.79
CA ASP A 644 -18.83 6.47 -11.29
C ASP A 644 -19.76 5.68 -10.39
N ASP A 645 -20.68 4.94 -10.99
CA ASP A 645 -21.64 4.14 -10.23
C ASP A 645 -20.92 3.05 -9.45
N LYS A 646 -21.23 2.96 -8.16
CA LYS A 646 -20.59 1.99 -7.28
C LYS A 646 -21.27 0.63 -7.28
N THR A 647 -22.48 0.56 -7.84
CA THR A 647 -23.17 -0.72 -7.97
C THR A 647 -22.46 -1.55 -9.05
N GLU A 648 -21.76 -0.86 -9.94
CA GLU A 648 -20.91 -1.51 -10.93
C GLU A 648 -19.72 -2.15 -10.24
N THR A 649 -19.15 -1.42 -9.29
CA THR A 649 -18.05 -1.92 -8.46
C THR A 649 -18.51 -3.13 -7.66
N LEU A 650 -19.73 -3.06 -7.14
CA LEU A 650 -20.31 -4.15 -6.37
C LEU A 650 -20.49 -5.40 -7.24
N ARG A 651 -21.13 -5.25 -8.39
CA ARG A 651 -21.33 -6.36 -9.31
C ARG A 651 -20.01 -6.97 -9.75
N ALA A 652 -19.05 -6.11 -10.06
CA ALA A 652 -17.72 -6.57 -10.45
C ALA A 652 -17.08 -7.39 -9.35
N LEU A 653 -17.14 -6.89 -8.13
CA LEU A 653 -16.60 -7.60 -6.97
C LEU A 653 -17.27 -8.95 -6.76
N ARG A 654 -18.57 -9.01 -7.01
CA ARG A 654 -19.30 -10.26 -6.87
C ARG A 654 -18.90 -11.27 -7.96
N GLU A 655 -18.62 -10.75 -9.16
CA GLU A 655 -18.13 -11.59 -10.24
C GLU A 655 -16.75 -12.15 -9.90
N ILE A 656 -15.90 -11.30 -9.34
CA ILE A 656 -14.54 -11.70 -8.98
C ILE A 656 -14.53 -12.71 -7.83
N SER A 657 -15.46 -12.55 -6.89
CA SER A 657 -15.54 -13.40 -5.72
C SER A 657 -15.86 -14.85 -6.06
N LEU A 658 -16.34 -15.08 -7.28
CA LEU A 658 -16.62 -16.43 -7.76
C LEU A 658 -15.34 -17.14 -8.17
N GLU A 659 -14.27 -16.38 -8.36
CA GLU A 659 -13.01 -16.94 -8.82
C GLU A 659 -12.11 -17.37 -7.66
N ALA A 660 -12.06 -16.55 -6.62
CA ALA A 660 -11.17 -16.80 -5.49
C ALA A 660 -11.74 -17.82 -4.51
N ASP A 661 -10.85 -18.50 -3.79
CA ASP A 661 -11.25 -19.50 -2.80
C ASP A 661 -11.68 -18.83 -1.49
N GLU A 662 -10.75 -18.08 -0.88
CA GLU A 662 -11.06 -17.31 0.32
C GLU A 662 -10.84 -15.83 0.06
N ILE A 663 -11.77 -15.00 0.54
CA ILE A 663 -11.69 -13.57 0.29
C ILE A 663 -11.54 -12.78 1.60
N LEU A 664 -10.54 -11.90 1.62
CA LEU A 664 -10.27 -11.06 2.78
C LEU A 664 -10.51 -9.59 2.44
N VAL A 665 -11.10 -8.85 3.38
CA VAL A 665 -11.28 -7.42 3.22
C VAL A 665 -10.25 -6.70 4.09
N ALA A 666 -9.50 -5.77 3.48
CA ALA A 666 -8.41 -5.10 4.17
C ALA A 666 -8.56 -3.58 4.15
N THR A 667 -9.64 -3.08 4.75
CA THR A 667 -9.86 -1.64 4.84
C THR A 667 -9.15 -1.06 6.07
N ASP A 668 -9.41 0.22 6.34
CA ASP A 668 -8.80 0.90 7.48
C ASP A 668 -9.30 0.32 8.80
N PRO A 669 -8.38 0.17 9.78
CA PRO A 669 -8.67 -0.42 11.08
C PRO A 669 -9.70 0.33 11.93
N ASP A 670 -10.14 1.51 11.48
CA ASP A 670 -11.10 2.30 12.24
C ASP A 670 -12.55 1.86 11.99
N VAL A 671 -13.49 2.68 12.45
CA VAL A 671 -14.91 2.36 12.33
C VAL A 671 -15.44 2.52 10.90
N GLU A 672 -14.92 3.53 10.20
CA GLU A 672 -15.30 3.78 8.81
C GLU A 672 -14.98 2.57 7.94
N GLY A 673 -13.75 2.08 8.05
CA GLY A 673 -13.30 0.93 7.29
C GLY A 673 -14.09 -0.32 7.63
N GLU A 674 -14.55 -0.42 8.86
CA GLU A 674 -15.35 -1.57 9.29
C GLU A 674 -16.74 -1.50 8.67
N LYS A 675 -17.31 -0.30 8.65
CA LYS A 675 -18.60 -0.06 8.02
C LYS A 675 -18.54 -0.39 6.53
N ILE A 676 -17.47 0.04 5.87
CA ILE A 676 -17.27 -0.26 4.46
C ILE A 676 -17.11 -1.76 4.24
N SER A 677 -16.29 -2.37 5.08
CA SER A 677 -16.03 -3.81 5.02
C SER A 677 -17.33 -4.61 5.13
N TRP A 678 -18.22 -4.19 6.03
CA TRP A 678 -19.50 -4.85 6.17
C TRP A 678 -20.41 -4.56 4.98
N ASP A 679 -20.32 -3.34 4.45
CA ASP A 679 -21.10 -2.96 3.28
C ASP A 679 -20.74 -3.83 2.07
N VAL A 680 -19.49 -4.28 2.03
CA VAL A 680 -19.03 -5.14 0.95
C VAL A 680 -19.35 -6.62 1.22
N THR A 681 -18.99 -7.08 2.41
CA THR A 681 -19.20 -8.48 2.78
C THR A 681 -20.68 -8.85 2.76
N GLN A 682 -21.54 -7.89 3.09
CA GLN A 682 -22.98 -8.13 3.05
C GLN A 682 -23.45 -8.36 1.62
N TYR A 683 -22.82 -7.65 0.69
CA TYR A 683 -23.16 -7.77 -0.72
C TYR A 683 -22.62 -9.07 -1.32
N LEU A 684 -21.42 -9.46 -0.91
CA LEU A 684 -20.76 -10.64 -1.48
C LEU A 684 -21.19 -11.95 -0.81
N LEU A 685 -21.76 -11.85 0.39
CA LEU A 685 -22.10 -13.03 1.18
C LEU A 685 -23.03 -14.06 0.52
N PRO A 686 -24.11 -13.61 -0.17
CA PRO A 686 -24.96 -14.62 -0.81
C PRO A 686 -24.27 -15.35 -1.97
N SER A 687 -23.22 -14.76 -2.51
CA SER A 687 -22.43 -15.37 -3.57
C SER A 687 -21.48 -16.42 -3.01
N THR A 688 -20.39 -15.96 -2.39
CA THR A 688 -19.41 -16.86 -1.80
C THR A 688 -19.43 -16.76 -0.27
N ARG A 689 -19.54 -17.90 0.40
CA ARG A 689 -19.67 -17.92 1.86
C ARG A 689 -18.33 -18.01 2.58
N SER A 690 -17.29 -17.40 1.99
CA SER A 690 -15.97 -17.40 2.59
C SER A 690 -15.37 -16.00 2.61
N LEU A 691 -15.79 -15.20 3.58
CA LEU A 691 -15.34 -13.82 3.70
C LEU A 691 -14.81 -13.54 5.10
N ARG A 692 -13.60 -12.99 5.19
CA ARG A 692 -13.05 -12.59 6.48
C ARG A 692 -12.43 -11.20 6.47
N ARG A 693 -12.14 -10.68 7.66
CA ARG A 693 -11.65 -9.32 7.82
C ARG A 693 -10.26 -9.28 8.44
N ILE A 694 -9.35 -8.57 7.78
CA ILE A 694 -8.02 -8.32 8.32
C ILE A 694 -7.79 -6.83 8.51
N GLU A 695 -7.01 -6.47 9.51
CA GLU A 695 -6.74 -5.06 9.81
C GLU A 695 -5.26 -4.72 9.70
N MET A 696 -4.90 -4.05 8.61
CA MET A 696 -3.51 -3.68 8.37
C MET A 696 -3.18 -2.32 8.97
N HIS A 697 -2.24 -2.31 9.91
CA HIS A 697 -1.77 -1.06 10.52
C HIS A 697 -0.57 -0.52 9.77
N GLU A 698 0.15 -1.42 9.10
CA GLU A 698 1.26 -1.05 8.25
C GLU A 698 1.04 -1.67 6.88
N ILE A 699 1.34 -0.93 5.82
CA ILE A 699 1.25 -1.49 4.47
C ILE A 699 2.63 -2.00 4.02
N THR A 700 3.06 -3.08 4.66
CA THR A 700 4.33 -3.73 4.36
C THR A 700 4.14 -5.23 4.45
N ARG A 701 5.21 -5.99 4.25
CA ARG A 701 5.16 -7.44 4.37
C ARG A 701 4.78 -7.85 5.78
N TYR A 702 5.48 -7.28 6.76
CA TYR A 702 5.23 -7.58 8.17
C TYR A 702 3.82 -7.17 8.57
N GLY A 703 3.40 -5.98 8.16
CA GLY A 703 2.07 -5.48 8.45
C GLY A 703 0.98 -6.37 7.89
N PHE A 704 1.11 -6.71 6.61
CA PHE A 704 0.16 -7.57 5.92
C PHE A 704 0.09 -8.94 6.59
N LYS A 705 1.24 -9.59 6.74
CA LYS A 705 1.33 -10.92 7.33
C LYS A 705 0.73 -10.96 8.74
N LYS A 706 1.15 -10.04 9.60
CA LYS A 706 0.70 -10.04 10.98
C LYS A 706 -0.76 -9.60 11.09
N ALA A 707 -1.24 -8.87 10.08
CA ALA A 707 -2.66 -8.54 10.01
C ALA A 707 -3.45 -9.79 9.67
N ARG A 708 -2.86 -10.66 8.87
CA ARG A 708 -3.50 -11.91 8.49
C ARG A 708 -3.47 -12.92 9.64
N GLU A 709 -2.42 -12.88 10.45
CA GLU A 709 -2.29 -13.76 11.60
C GLU A 709 -3.36 -13.45 12.64
N SER A 710 -3.84 -12.21 12.62
CA SER A 710 -4.92 -11.78 13.50
C SER A 710 -6.18 -11.51 12.70
N VAL A 711 -6.63 -12.52 11.96
CA VAL A 711 -7.82 -12.39 11.12
C VAL A 711 -9.10 -12.63 11.92
N ARG A 712 -10.12 -11.80 11.67
CA ARG A 712 -11.36 -11.87 12.43
C ARG A 712 -12.56 -11.66 11.52
N PHE A 713 -13.76 -11.77 12.08
CA PHE A 713 -14.98 -11.45 11.36
C PHE A 713 -15.40 -10.02 11.67
N VAL A 714 -16.37 -9.51 10.92
CA VAL A 714 -16.81 -8.13 11.08
C VAL A 714 -17.45 -7.88 12.44
N ASP A 715 -16.73 -7.17 13.30
CA ASP A 715 -17.26 -6.77 14.59
C ASP A 715 -18.40 -5.77 14.37
N PHE A 716 -19.55 -6.06 14.96
CA PHE A 716 -20.75 -5.27 14.69
C PHE A 716 -20.86 -4.00 15.53
N ASN A 717 -20.12 -3.95 16.64
CA ASN A 717 -20.12 -2.76 17.49
C ASN A 717 -19.58 -1.53 16.78
N LEU A 718 -18.48 -1.72 16.05
CA LEU A 718 -17.86 -0.65 15.26
C LEU A 718 -18.85 -0.13 14.22
N VAL A 719 -19.45 -1.05 13.48
CA VAL A 719 -20.43 -0.71 12.46
C VAL A 719 -21.60 0.05 13.04
N LYS A 720 -22.11 -0.43 14.17
CA LYS A 720 -23.21 0.23 14.87
C LYS A 720 -22.84 1.65 15.27
N ALA A 721 -21.63 1.83 15.79
CA ALA A 721 -21.14 3.14 16.18
C ALA A 721 -21.11 4.07 14.98
N GLN A 722 -20.59 3.57 13.87
CA GLN A 722 -20.52 4.34 12.62
C GLN A 722 -21.91 4.77 12.19
N ILE A 723 -22.86 3.84 12.24
CA ILE A 723 -24.24 4.13 11.88
C ILE A 723 -24.83 5.20 12.77
N VAL A 724 -24.56 5.11 14.08
CA VAL A 724 -25.05 6.09 15.03
C VAL A 724 -24.53 7.49 14.73
N ARG A 725 -23.22 7.60 14.55
CA ARG A 725 -22.61 8.90 14.22
C ARG A 725 -23.17 9.46 12.91
N ARG A 726 -23.28 8.60 11.90
CA ARG A 726 -23.82 8.98 10.60
C ARG A 726 -25.24 9.52 10.72
N VAL A 727 -26.10 8.77 11.40
CA VAL A 727 -27.49 9.15 11.59
C VAL A 727 -27.61 10.46 12.37
N GLN A 728 -26.77 10.63 13.38
CA GLN A 728 -26.74 11.89 14.14
C GLN A 728 -26.40 13.05 13.22
N ASP A 729 -25.35 12.89 12.43
CA ASP A 729 -24.94 13.91 11.46
C ASP A 729 -26.07 14.26 10.50
N ARG A 730 -26.73 13.24 9.96
CA ARG A 730 -27.82 13.42 9.03
C ARG A 730 -28.99 14.20 9.65
N TRP A 731 -29.48 13.70 10.78
CA TRP A 731 -30.63 14.30 11.45
C TRP A 731 -30.36 15.72 11.94
N ILE A 732 -29.38 15.86 12.83
CA ILE A 732 -29.05 17.17 13.38
C ILE A 732 -28.66 18.15 12.29
N GLY A 733 -27.80 17.68 11.38
CA GLY A 733 -27.35 18.48 10.26
C GLY A 733 -28.50 19.01 9.42
N PHE A 734 -29.42 18.13 9.04
CA PHE A 734 -30.57 18.53 8.23
C PHE A 734 -31.49 19.50 8.98
N GLU A 735 -31.80 19.17 10.23
CA GLU A 735 -32.68 20.00 11.05
C GLU A 735 -32.14 21.42 11.17
N LEU A 736 -30.91 21.55 11.65
CA LEU A 736 -30.30 22.86 11.84
C LEU A 736 -30.07 23.56 10.49
N SER A 737 -29.85 22.78 9.44
CA SER A 737 -29.71 23.34 8.09
C SER A 737 -31.00 24.05 7.67
N GLY A 738 -32.12 23.36 7.79
CA GLY A 738 -33.42 23.93 7.45
C GLY A 738 -33.77 25.12 8.34
N LYS A 739 -33.50 24.98 9.63
CA LYS A 739 -33.74 26.07 10.57
C LYS A 739 -32.90 27.30 10.22
N LEU A 740 -31.75 27.06 9.58
CA LEU A 740 -30.93 28.16 9.08
C LEU A 740 -31.42 28.67 7.74
N GLN A 741 -32.13 27.81 7.01
CA GLN A 741 -32.73 28.19 5.73
C GLN A 741 -33.89 29.15 5.98
N LYS A 742 -34.53 28.99 7.14
CA LYS A 742 -35.63 29.88 7.51
C LYS A 742 -35.15 31.31 7.77
N ARG A 743 -33.93 31.45 8.25
CA ARG A 743 -33.43 32.75 8.69
C ARG A 743 -32.57 33.47 7.66
N PHE A 744 -31.71 32.72 6.97
CA PHE A 744 -30.75 33.33 6.06
C PHE A 744 -31.03 33.05 4.58
N GLY A 745 -31.60 31.88 4.30
CA GLY A 745 -32.00 31.56 2.93
C GLY A 745 -31.15 30.51 2.25
N ARG A 746 -29.86 30.49 2.55
CA ARG A 746 -28.93 29.54 1.93
C ARG A 746 -29.33 28.10 2.21
N SER A 747 -29.18 27.25 1.21
CA SER A 747 -29.60 25.86 1.31
C SER A 747 -28.77 25.06 2.31
N ASN A 748 -27.57 24.64 1.89
CA ASN A 748 -26.68 23.88 2.76
C ASN A 748 -25.83 24.76 3.67
N LEU A 749 -26.12 24.74 4.97
CA LEU A 749 -25.39 25.55 5.94
C LEU A 749 -24.84 24.71 7.09
N SER A 750 -25.73 24.23 7.95
CA SER A 750 -25.33 23.45 9.11
C SER A 750 -24.81 22.08 8.69
N ALA A 751 -23.57 21.76 9.08
CA ALA A 751 -22.97 20.49 8.75
C ALA A 751 -23.17 19.46 9.86
N GLY A 752 -23.30 19.96 11.09
CA GLY A 752 -23.50 19.09 12.23
C GLY A 752 -23.42 19.82 13.56
N ARG A 753 -23.21 19.07 14.63
CA ARG A 753 -23.17 19.61 15.98
C ARG A 753 -21.79 20.14 16.35
N VAL A 754 -20.76 19.32 16.09
CA VAL A 754 -19.38 19.66 16.38
C VAL A 754 -18.97 20.95 15.67
N GLN A 755 -19.40 21.09 14.43
CA GLN A 755 -19.12 22.28 13.64
C GLN A 755 -19.68 23.51 14.33
N SER A 756 -20.91 23.41 14.82
CA SER A 756 -21.55 24.51 15.54
C SER A 756 -20.80 24.85 16.81
N THR A 757 -20.40 23.82 17.57
CA THR A 757 -19.65 24.04 18.80
C THR A 757 -18.32 24.75 18.55
N VAL A 758 -17.57 24.27 17.56
CA VAL A 758 -16.28 24.85 17.19
C VAL A 758 -16.42 26.29 16.72
N LEU A 759 -17.36 26.53 15.81
CA LEU A 759 -17.62 27.88 15.32
C LEU A 759 -17.98 28.79 16.49
N GLY A 760 -18.69 28.24 17.47
CA GLY A 760 -19.00 28.96 18.69
C GLY A 760 -17.74 29.33 19.46
N TRP A 761 -16.82 28.38 19.57
CA TRP A 761 -15.54 28.62 20.23
C TRP A 761 -14.80 29.77 19.58
N ILE A 762 -14.72 29.74 18.25
CA ILE A 762 -14.01 30.78 17.50
C ILE A 762 -14.69 32.14 17.66
N VAL A 763 -16.02 32.17 17.55
CA VAL A 763 -16.79 33.40 17.68
C VAL A 763 -16.60 34.04 19.04
N GLU A 764 -16.75 33.25 20.11
CA GLU A 764 -16.55 33.77 21.46
C GLU A 764 -15.08 34.15 21.69
N ARG A 765 -14.17 33.47 20.98
CA ARG A 765 -12.75 33.79 21.07
C ARG A 765 -12.48 35.17 20.48
N GLU A 766 -13.18 35.51 19.40
CA GLU A 766 -13.03 36.82 18.79
C GLU A 766 -13.40 37.94 19.76
N GLU A 767 -14.22 37.61 20.75
CA GLU A 767 -14.62 38.57 21.76
C GLU A 767 -13.69 38.57 22.97
N GLU A 768 -13.33 37.38 23.45
CA GLU A 768 -12.49 37.26 24.64
C GLU A 768 -11.01 37.48 24.35
N TYR A 769 -10.71 37.91 23.13
CA TYR A 769 -9.34 38.19 22.72
C TYR A 769 -9.01 39.66 22.92
N LYS A 770 -10.01 40.51 22.76
CA LYS A 770 -9.84 41.95 22.91
C LYS A 770 -9.82 42.34 24.38
N LYS A 771 -10.64 41.67 25.18
CA LYS A 771 -10.78 41.99 26.59
C LYS A 771 -9.60 41.48 27.40
N SER A 772 -8.89 40.50 26.85
CA SER A 772 -7.72 39.93 27.49
C SER A 772 -6.45 40.70 27.15
N GLU A 773 -6.62 41.89 26.59
CA GLU A 773 -5.49 42.74 26.22
C GLU A 773 -4.99 43.51 27.43
N LYS A 774 -3.84 43.10 27.95
CA LYS A 774 -3.24 43.76 29.12
C LYS A 774 -1.83 44.22 28.78
N ASP A 775 -1.40 45.30 29.44
CA ASP A 775 -0.11 45.91 29.13
C ASP A 775 1.07 45.09 29.64
N PHE A 776 2.12 45.00 28.82
CA PHE A 776 3.33 44.28 29.19
C PHE A 776 4.56 44.98 28.61
N THR A 777 5.72 44.72 29.21
CA THR A 777 6.98 45.28 28.72
C THR A 777 8.09 44.24 28.68
N LEU A 778 8.94 44.35 27.66
CA LEU A 778 10.07 43.44 27.49
C LEU A 778 11.35 44.08 28.02
N LEU A 779 12.16 43.27 28.70
CA LEU A 779 13.37 43.77 29.36
C LEU A 779 14.61 42.98 28.96
N VAL A 780 15.37 43.52 28.02
CA VAL A 780 16.63 42.89 27.63
C VAL A 780 17.68 43.13 28.70
N LEU A 781 18.05 42.08 29.42
CA LEU A 781 19.01 42.19 30.52
C LEU A 781 20.45 42.04 30.04
N GLU A 782 21.36 42.73 30.71
CA GLU A 782 22.78 42.69 30.36
C GLU A 782 23.38 41.31 30.58
N ASN A 783 24.04 40.79 29.55
CA ASN A 783 24.69 39.48 29.60
C ASN A 783 23.76 38.35 30.04
N GLY A 784 22.49 38.46 29.66
CA GLY A 784 21.50 37.46 29.98
C GLY A 784 20.49 37.30 28.86
N VAL A 785 19.22 37.15 29.23
CA VAL A 785 18.15 37.01 28.25
C VAL A 785 17.01 37.98 28.55
N ASN A 786 16.19 38.25 27.53
CA ASN A 786 15.06 39.15 27.69
C ASN A 786 14.03 38.61 28.68
N LEU A 787 13.25 39.50 29.28
CA LEU A 787 12.27 39.11 30.28
C LEU A 787 10.98 39.91 30.16
N GLU A 788 9.87 39.20 29.97
CA GLU A 788 8.57 39.84 29.77
C GLU A 788 7.87 40.02 31.12
N VAL A 789 7.45 41.26 31.42
CA VAL A 789 6.85 41.56 32.72
C VAL A 789 5.68 42.54 32.58
N GLU A 790 5.04 42.90 33.69
CA GLU A 790 3.86 43.75 33.72
C GLU A 790 4.08 45.15 33.12
N GLY A 791 2.98 45.75 32.67
CA GLY A 791 2.98 46.94 31.84
C GLY A 791 4.03 48.04 31.99
N LYS A 792 3.96 48.76 33.11
CA LYS A 792 4.71 50.01 33.25
C LYS A 792 5.72 49.96 34.39
N ILE A 793 6.95 49.61 34.04
CA ILE A 793 8.06 49.62 35.01
C ILE A 793 9.09 50.71 34.72
N ALA A 794 9.68 51.27 35.78
CA ALA A 794 10.60 52.40 35.61
C ALA A 794 11.66 52.45 36.70
N ASP A 795 12.19 51.29 37.08
CA ASP A 795 13.26 51.23 38.07
C ASP A 795 14.61 50.87 37.45
N ASP A 796 14.58 50.39 36.21
CA ASP A 796 15.79 50.11 35.43
C ASP A 796 16.77 49.13 36.08
N VAL A 797 16.27 48.23 36.92
CA VAL A 797 17.14 47.25 37.58
C VAL A 797 16.37 46.00 38.01
N VAL A 798 17.05 44.86 38.02
CA VAL A 798 16.44 43.59 38.40
C VAL A 798 17.23 42.91 39.51
N THR A 799 16.59 42.65 40.64
CA THR A 799 17.30 42.14 41.82
C THR A 799 16.96 40.68 42.15
N VAL A 800 17.86 39.77 41.77
CA VAL A 800 17.69 38.35 42.07
C VAL A 800 17.61 38.12 43.59
N VAL A 801 16.45 37.68 44.05
CA VAL A 801 16.23 37.47 45.48
C VAL A 801 16.56 36.03 45.89
N GLU A 802 16.05 35.07 45.13
CA GLU A 802 16.28 33.66 45.43
C GLU A 802 16.83 32.90 44.23
N LEU A 803 17.80 32.03 44.49
CA LEU A 803 18.44 31.23 43.45
C LEU A 803 18.70 29.81 43.95
N GLN A 804 18.27 28.82 43.18
CA GLN A 804 18.51 27.43 43.53
C GLN A 804 18.66 26.56 42.28
N GLU A 805 19.65 25.68 42.29
CA GLU A 805 19.90 24.80 41.16
C GLU A 805 19.63 23.34 41.50
N ALA A 806 19.08 22.61 40.55
CA ALA A 806 18.80 21.18 40.74
C ALA A 806 19.15 20.41 39.47
N GLU A 807 19.46 19.13 39.63
CA GLU A 807 19.79 18.27 38.50
C GLU A 807 18.65 17.31 38.20
N GLU A 808 17.74 17.72 37.31
CA GLU A 808 16.63 16.88 36.92
C GLU A 808 16.96 16.09 35.66
N GLU A 809 16.31 14.94 35.49
CA GLU A 809 16.45 14.13 34.29
C GLU A 809 15.26 14.37 33.37
N LYS A 810 15.53 14.90 32.17
CA LYS A 810 14.46 15.30 31.27
C LYS A 810 13.93 14.18 30.38
N ASN A 811 12.65 13.86 30.55
CA ASN A 811 11.98 12.86 29.72
C ASN A 811 11.41 13.50 28.45
N PRO A 812 11.44 12.76 27.33
CA PRO A 812 11.01 13.28 26.04
C PRO A 812 9.49 13.35 25.86
N LEU A 813 9.06 13.97 24.77
CA LEU A 813 7.63 14.10 24.47
C LEU A 813 7.09 12.81 23.85
N PRO A 814 5.86 12.41 24.21
CA PRO A 814 5.20 11.21 23.72
C PRO A 814 5.09 11.17 22.20
N PRO A 815 5.04 9.97 21.60
CA PRO A 815 4.97 9.79 20.15
C PRO A 815 3.77 10.49 19.53
N TYR A 816 3.87 10.78 18.24
CA TYR A 816 2.81 11.48 17.51
C TYR A 816 1.51 10.69 17.45
N THR A 817 0.45 11.26 18.02
CA THR A 817 -0.90 10.79 17.75
C THR A 817 -1.47 11.75 16.72
N THR A 818 -2.75 11.62 16.40
CA THR A 818 -3.36 12.49 15.40
C THR A 818 -3.40 13.93 15.89
N SER A 819 -3.67 14.10 17.18
CA SER A 819 -3.69 15.42 17.79
C SER A 819 -2.30 16.05 17.71
N SER A 820 -1.30 15.34 18.25
CA SER A 820 0.08 15.82 18.27
C SER A 820 0.58 16.16 16.86
N ALA A 821 0.39 15.24 15.92
CA ALA A 821 0.82 15.44 14.55
C ALA A 821 0.11 16.64 13.91
N LEU A 822 -1.22 16.61 13.90
CA LEU A 822 -1.99 17.68 13.27
C LEU A 822 -1.71 19.06 13.88
N SER A 823 -1.30 19.08 15.14
CA SER A 823 -0.95 20.33 15.79
C SER A 823 0.46 20.78 15.43
N GLU A 824 1.47 20.05 15.91
CA GLU A 824 2.87 20.45 15.76
C GLU A 824 3.38 20.48 14.32
N ILE A 825 2.84 19.63 13.45
CA ILE A 825 3.27 19.63 12.05
C ILE A 825 2.66 20.83 11.31
N SER A 826 1.41 21.14 11.62
CA SER A 826 0.75 22.30 11.03
C SER A 826 1.24 23.59 11.69
N GLN A 827 2.03 23.45 12.75
CA GLN A 827 2.62 24.58 13.43
C GLN A 827 4.02 24.89 12.88
N LYS A 828 4.89 23.89 12.91
CA LYS A 828 6.26 24.06 12.44
C LYS A 828 6.33 24.32 10.94
N LEU A 829 5.33 23.81 10.22
CA LEU A 829 5.16 24.12 8.81
C LEU A 829 3.98 25.07 8.65
N ARG A 830 4.01 25.89 7.62
CA ARG A 830 2.92 26.83 7.36
C ARG A 830 1.81 26.14 6.57
N LEU A 831 1.34 25.01 7.08
CA LEU A 831 0.36 24.19 6.37
C LEU A 831 -0.95 24.09 7.13
N GLY A 832 -2.05 23.96 6.40
CA GLY A 832 -3.36 23.76 7.01
C GLY A 832 -3.52 22.33 7.49
N VAL A 833 -4.45 22.11 8.40
CA VAL A 833 -4.63 20.80 9.01
C VAL A 833 -5.10 19.73 8.02
N GLN A 834 -5.95 20.13 7.09
CA GLN A 834 -6.45 19.21 6.07
C GLN A 834 -5.32 18.74 5.17
N GLU A 835 -4.44 19.66 4.81
CA GLU A 835 -3.28 19.34 3.98
C GLU A 835 -2.37 18.36 4.69
N VAL A 836 -2.09 18.64 5.96
CA VAL A 836 -1.26 17.76 6.78
C VAL A 836 -1.88 16.38 6.92
N MET A 837 -3.22 16.34 7.01
CA MET A 837 -3.93 15.07 7.09
C MET A 837 -3.77 14.29 5.79
N ASP A 838 -3.84 15.01 4.66
CA ASP A 838 -3.64 14.40 3.36
C ASP A 838 -2.24 13.81 3.25
N ILE A 839 -1.25 14.56 3.72
CA ILE A 839 0.13 14.09 3.70
C ILE A 839 0.29 12.85 4.58
N LEU A 840 -0.36 12.85 5.74
CA LEU A 840 -0.33 11.72 6.66
C LEU A 840 -0.90 10.47 6.01
N GLN A 841 -2.08 10.60 5.41
CA GLN A 841 -2.73 9.49 4.73
C GLN A 841 -1.86 8.99 3.59
N ASP A 842 -1.24 9.92 2.87
CA ASP A 842 -0.36 9.57 1.77
C ASP A 842 0.83 8.76 2.26
N LEU A 843 1.43 9.17 3.37
CA LEU A 843 2.55 8.46 3.95
C LEU A 843 2.15 7.08 4.46
N PHE A 844 0.92 6.98 4.97
CA PHE A 844 0.41 5.71 5.49
C PHE A 844 0.16 4.70 4.38
N GLU A 845 -0.59 5.11 3.37
CA GLU A 845 -0.95 4.22 2.26
C GLU A 845 0.26 3.82 1.43
N LYS A 846 1.29 4.66 1.44
CA LYS A 846 2.54 4.34 0.73
C LYS A 846 3.40 3.42 1.58
N GLY A 847 3.04 3.26 2.85
CA GLY A 847 3.71 2.34 3.73
C GLY A 847 5.01 2.85 4.33
N PHE A 848 4.97 4.04 4.90
CA PHE A 848 6.13 4.60 5.59
C PHE A 848 5.86 4.84 7.06
N ILE A 849 4.61 5.19 7.39
CA ILE A 849 4.20 5.38 8.77
C ILE A 849 3.09 4.39 9.12
N THR A 850 2.79 4.27 10.40
CA THR A 850 1.68 3.43 10.83
C THR A 850 0.37 4.17 10.62
N TYR A 851 -0.74 3.53 10.95
CA TYR A 851 -2.06 4.12 10.74
C TYR A 851 -2.20 5.46 11.45
N HIS A 852 -2.49 6.51 10.68
CA HIS A 852 -2.47 7.87 11.20
C HIS A 852 -3.66 8.23 12.09
N ARG A 853 -4.82 7.64 11.83
CA ARG A 853 -5.99 7.89 12.66
C ARG A 853 -5.93 7.10 13.96
N THR A 854 -5.12 7.59 14.90
CA THR A 854 -4.95 6.94 16.19
C THR A 854 -4.95 7.98 17.31
N ASP A 855 -5.37 7.55 18.50
CA ASP A 855 -5.41 8.44 19.66
C ASP A 855 -4.70 7.80 20.85
N SER A 856 -3.78 6.88 20.57
CA SER A 856 -3.02 6.23 21.62
C SER A 856 -1.52 6.34 21.34
N THR A 857 -0.72 6.24 22.40
CA THR A 857 0.73 6.37 22.27
C THR A 857 1.45 5.03 22.37
N ARG A 858 0.69 3.95 22.26
CA ARG A 858 1.25 2.60 22.39
C ARG A 858 2.29 2.32 21.31
N ILE A 859 3.38 1.67 21.71
CA ILE A 859 4.40 1.24 20.76
C ILE A 859 4.82 -0.19 21.06
N SER A 860 4.61 -1.07 20.09
CA SER A 860 4.98 -2.47 20.22
C SER A 860 6.49 -2.63 20.30
N LEU A 861 6.94 -3.82 20.66
CA LEU A 861 8.37 -4.11 20.71
C LEU A 861 8.98 -4.03 19.31
N GLU A 862 8.13 -4.12 18.29
CA GLU A 862 8.56 -4.00 16.91
C GLU A 862 9.06 -2.59 16.60
N GLY A 863 8.25 -1.59 16.90
CA GLY A 863 8.64 -0.20 16.68
C GLY A 863 9.84 0.20 17.53
N GLN A 864 9.87 -0.29 18.76
CA GLN A 864 11.00 -0.07 19.65
C GLN A 864 12.27 -0.63 19.02
N ASN A 865 12.14 -1.83 18.45
CA ASN A 865 13.26 -2.48 17.78
C ASN A 865 13.68 -1.70 16.54
N VAL A 866 12.71 -1.06 15.88
CA VAL A 866 13.00 -0.20 14.75
C VAL A 866 13.87 0.97 15.19
N ALA A 867 13.45 1.63 16.26
CA ALA A 867 14.20 2.74 16.84
C ALA A 867 15.61 2.32 17.22
N ARG A 868 15.72 1.21 17.97
CA ARG A 868 17.01 0.72 18.42
C ARG A 868 17.92 0.32 17.27
N THR A 869 17.33 -0.18 16.20
CA THR A 869 18.13 -0.57 15.02
C THR A 869 18.63 0.65 14.28
N TYR A 870 17.79 1.67 14.15
CA TYR A 870 18.24 2.92 13.55
C TYR A 870 19.38 3.53 14.36
N LEU A 871 19.20 3.58 15.68
CA LEU A 871 20.23 4.11 16.57
C LEU A 871 21.50 3.27 16.48
N ARG A 872 21.33 1.97 16.25
CA ARG A 872 22.45 1.05 16.11
C ARG A 872 23.22 1.37 14.84
N LYS A 873 22.50 1.71 13.78
CA LYS A 873 23.13 2.12 12.53
C LYS A 873 23.85 3.46 12.68
N ILE A 874 23.20 4.39 13.37
CA ILE A 874 23.73 5.75 13.51
C ILE A 874 24.98 5.80 14.39
N GLY A 875 25.22 4.73 15.13
CA GLY A 875 26.40 4.64 15.99
C GLY A 875 26.09 4.96 17.44
N LYS A 876 24.88 5.42 17.69
CA LYS A 876 24.48 5.81 19.04
C LYS A 876 23.31 4.96 19.53
N GLU A 877 23.58 3.68 19.73
CA GLU A 877 22.57 2.73 20.20
C GLU A 877 22.49 2.73 21.72
N ASP A 878 23.48 3.35 22.36
CA ASP A 878 23.58 3.35 23.81
C ASP A 878 22.60 4.31 24.47
N ILE A 879 22.07 5.23 23.68
CA ILE A 879 21.11 6.21 24.19
C ILE A 879 19.67 5.77 23.96
N PHE A 880 19.47 4.46 23.78
CA PHE A 880 18.15 3.91 23.47
C PHE A 880 17.39 3.49 24.73
N MET A 881 16.12 3.85 24.77
CA MET A 881 15.22 3.44 25.86
C MET A 881 13.84 3.09 25.33
N GLY A 882 13.48 1.81 25.46
CA GLY A 882 12.19 1.33 24.98
C GLY A 882 11.04 1.69 25.89
N ARG A 883 10.08 2.44 25.37
CA ARG A 883 8.94 2.88 26.14
C ARG A 883 7.63 2.47 25.46
N SER A 884 6.81 1.72 26.18
CA SER A 884 5.48 1.35 25.67
C SER A 884 4.53 2.54 25.71
N TRP A 885 4.87 3.52 26.53
CA TRP A 885 4.11 4.76 26.69
C TRP A 885 2.69 4.57 27.23
N SER A 886 1.92 3.69 26.61
CA SER A 886 0.56 3.42 27.07
C SER A 886 0.10 2.02 26.66
N THR A 887 -0.14 1.17 27.65
CA THR A 887 -0.58 -0.20 27.40
C THR A 887 -1.93 -0.23 26.69
N GLU A 888 -2.88 0.54 27.23
CA GLU A 888 -4.21 0.61 26.65
C GLU A 888 -4.22 1.48 25.39
N GLY A 889 -4.80 0.95 24.32
CA GLY A 889 -4.88 1.66 23.06
C GLY A 889 -5.03 0.72 21.88
N ALA A 890 -5.87 1.09 20.92
CA ALA A 890 -6.14 0.26 19.77
C ALA A 890 -4.96 0.24 18.79
N HIS A 891 -4.68 1.40 18.19
CA HIS A 891 -3.62 1.52 17.19
C HIS A 891 -2.34 2.04 17.82
N GLU A 892 -1.20 1.70 17.23
CA GLU A 892 0.05 2.28 17.64
C GLU A 892 0.07 3.76 17.26
N ALA A 893 0.87 4.55 17.97
CA ALA A 893 1.02 5.96 17.65
C ALA A 893 1.67 6.10 16.27
N ILE A 894 1.57 7.28 15.68
CA ILE A 894 2.13 7.50 14.36
C ILE A 894 3.66 7.43 14.39
N ARG A 895 4.21 6.39 13.79
CA ARG A 895 5.64 6.14 13.81
C ARG A 895 6.11 5.61 12.46
N PRO A 896 7.38 5.84 12.12
CA PRO A 896 7.94 5.25 10.89
C PRO A 896 8.03 3.74 11.02
N VAL A 897 7.80 3.02 9.92
CA VAL A 897 7.80 1.56 9.95
C VAL A 897 9.18 1.00 9.60
N LYS A 898 9.96 1.75 8.85
CA LYS A 898 11.30 1.32 8.46
C LYS A 898 12.36 2.29 8.95
N PRO A 899 13.42 1.78 9.59
CA PRO A 899 14.49 2.59 10.18
C PRO A 899 15.27 3.38 9.14
N ILE A 900 14.65 4.38 8.53
CA ILE A 900 15.30 5.20 7.52
C ILE A 900 14.96 6.68 7.70
N ASP A 901 15.98 7.51 7.91
CA ASP A 901 15.79 8.95 8.07
C ASP A 901 15.49 9.63 6.74
N ALA A 902 14.98 10.86 6.80
CA ALA A 902 14.52 11.58 5.62
C ALA A 902 15.63 11.84 4.61
N ARG A 903 16.83 12.11 5.11
CA ARG A 903 17.98 12.37 4.25
C ARG A 903 18.32 11.12 3.44
N GLU A 904 18.34 9.98 4.12
CA GLU A 904 18.57 8.69 3.48
C GLU A 904 17.51 8.44 2.42
N LEU A 905 16.27 8.81 2.71
CA LEU A 905 15.18 8.67 1.75
C LEU A 905 15.42 9.52 0.50
N GLU A 906 15.75 10.79 0.71
CA GLU A 906 16.07 11.69 -0.41
C GLU A 906 17.19 11.12 -1.26
N GLU A 907 18.18 10.52 -0.60
CA GLU A 907 19.26 9.85 -1.31
C GLU A 907 18.74 8.68 -2.14
N MET A 908 17.86 7.88 -1.56
CA MET A 908 17.31 6.72 -2.25
C MET A 908 16.47 7.13 -3.47
N ILE A 909 15.85 8.30 -3.38
CA ILE A 909 15.05 8.81 -4.49
C ILE A 909 15.97 9.36 -5.58
N GLU A 910 17.02 10.06 -5.17
CA GLU A 910 18.00 10.59 -6.12
C GLU A 910 18.69 9.46 -6.87
N GLU A 911 18.92 8.36 -6.18
CA GLU A 911 19.59 7.20 -6.75
C GLU A 911 18.70 6.51 -7.77
N GLY A 912 17.40 6.43 -7.47
CA GLY A 912 16.43 5.85 -8.37
C GLY A 912 15.85 4.54 -7.87
N LEU A 913 15.53 4.50 -6.58
CA LEU A 913 15.05 3.26 -5.99
C LEU A 913 13.54 3.28 -5.70
N ILE A 914 13.01 4.40 -5.24
CA ILE A 914 11.74 4.36 -4.54
C ILE A 914 10.59 5.23 -5.04
N ALA A 915 10.67 6.54 -4.80
CA ALA A 915 9.43 7.26 -4.51
C ALA A 915 8.84 8.25 -5.53
N ASP A 916 7.55 8.52 -5.34
CA ASP A 916 6.82 9.62 -5.95
C ASP A 916 6.57 10.62 -4.85
N LEU A 917 7.52 10.71 -3.93
CA LEU A 917 7.37 11.54 -2.73
C LEU A 917 7.74 13.00 -3.00
N THR A 918 6.80 13.89 -2.72
CA THR A 918 7.05 15.32 -2.82
C THR A 918 7.85 15.78 -1.61
N LYS A 919 8.16 17.06 -1.56
CA LYS A 919 9.00 17.61 -0.50
C LYS A 919 8.30 17.65 0.85
N LYS A 920 7.03 18.08 0.85
CA LYS A 920 6.25 18.15 2.08
C LYS A 920 6.10 16.78 2.71
N HIS A 921 5.97 15.76 1.88
CA HIS A 921 5.91 14.37 2.34
C HIS A 921 7.17 14.04 3.15
N LEU A 922 8.33 14.34 2.56
CA LEU A 922 9.62 14.09 3.19
C LEU A 922 9.78 14.86 4.50
N ARG A 923 9.32 16.11 4.51
CA ARG A 923 9.44 16.94 5.71
C ARG A 923 8.55 16.44 6.85
N VAL A 924 7.31 16.10 6.53
CA VAL A 924 6.39 15.56 7.52
C VAL A 924 6.91 14.23 8.07
N TYR A 925 7.43 13.40 7.17
CA TYR A 925 8.04 12.14 7.58
C TYR A 925 9.23 12.39 8.50
N GLU A 926 10.00 13.44 8.22
CA GLU A 926 11.12 13.81 9.06
C GLU A 926 10.63 14.18 10.45
N LEU A 927 9.53 14.92 10.48
CA LEU A 927 8.90 15.32 11.74
C LEU A 927 8.50 14.11 12.58
N ILE A 928 7.73 13.20 11.99
CA ILE A 928 7.26 12.01 12.68
C ILE A 928 8.43 11.14 13.15
N PHE A 929 9.39 10.95 12.26
CA PHE A 929 10.59 10.17 12.52
C PHE A 929 11.34 10.70 13.75
N ASN A 930 11.58 12.01 13.75
CA ASN A 930 12.29 12.64 14.86
C ASN A 930 11.52 12.63 16.18
N ARG A 931 10.23 12.96 16.13
CA ARG A 931 9.41 12.95 17.33
C ARG A 931 9.37 11.55 17.95
N PHE A 932 9.23 10.54 17.09
CA PHE A 932 9.20 9.16 17.51
C PHE A 932 10.53 8.72 18.14
N LEU A 933 11.63 8.94 17.42
CA LEU A 933 12.94 8.57 17.92
C LEU A 933 13.30 9.28 19.22
N ALA A 934 12.84 10.51 19.35
CA ALA A 934 12.97 11.24 20.60
C ALA A 934 12.19 10.51 21.66
N SER A 935 10.99 10.05 21.30
CA SER A 935 10.13 9.35 22.23
C SER A 935 10.63 7.94 22.51
N GLN A 936 11.72 7.55 21.86
CA GLN A 936 12.35 6.25 22.12
C GLN A 936 13.82 6.34 22.53
N SER A 937 14.30 7.56 22.79
CA SER A 937 15.68 7.75 23.24
C SER A 937 15.75 7.99 24.74
N ALA A 938 16.94 7.82 25.31
CA ALA A 938 17.15 7.98 26.74
C ALA A 938 16.90 9.40 27.23
N ALA A 939 16.67 9.54 28.53
CA ALA A 939 16.40 10.85 29.13
C ALA A 939 17.65 11.73 29.13
N VAL A 940 17.45 13.04 29.19
CA VAL A 940 18.55 13.99 29.17
C VAL A 940 18.87 14.52 30.55
N LYS A 941 20.10 14.27 31.01
CA LYS A 941 20.56 14.81 32.28
C LYS A 941 20.94 16.28 32.10
N VAL A 942 20.27 17.15 32.83
CA VAL A 942 20.54 18.58 32.75
C VAL A 942 20.82 19.19 34.11
N LYS A 943 20.70 20.52 34.18
CA LYS A 943 20.91 21.26 35.40
C LYS A 943 20.15 22.58 35.29
N LYS A 944 18.96 22.62 35.88
CA LYS A 944 18.12 23.81 35.77
C LYS A 944 18.02 24.59 37.08
N GLN A 945 17.85 25.90 36.96
CA GLN A 945 17.73 26.78 38.11
C GLN A 945 16.40 27.49 38.17
N ILE A 946 15.83 27.57 39.37
CA ILE A 946 14.59 28.29 39.60
C ILE A 946 14.92 29.61 40.28
N VAL A 947 14.87 30.69 39.52
CA VAL A 947 15.28 32.00 40.02
C VAL A 947 14.09 32.91 40.29
N THR A 948 13.99 33.38 41.53
CA THR A 948 12.98 34.37 41.88
C THR A 948 13.59 35.76 41.89
N VAL A 949 13.28 36.54 40.86
CA VAL A 949 13.82 37.88 40.71
C VAL A 949 12.85 38.94 41.22
N ASP A 950 13.38 40.14 41.45
CA ASP A 950 12.56 41.26 41.91
C ASP A 950 12.63 42.39 40.89
N VAL A 951 11.49 42.65 40.26
CA VAL A 951 11.37 43.71 39.28
C VAL A 951 10.25 44.66 39.67
N ASP A 952 10.62 45.89 39.99
CA ASP A 952 9.67 46.93 40.39
C ASP A 952 8.85 46.51 41.61
N GLY A 953 9.54 46.04 42.64
CA GLY A 953 8.91 45.68 43.90
C GLY A 953 7.95 44.51 43.82
N LYS A 954 8.03 43.73 42.74
CA LYS A 954 7.16 42.58 42.57
C LYS A 954 7.97 41.30 42.38
N ARG A 955 7.81 40.36 43.31
CA ARG A 955 8.50 39.08 43.22
C ARG A 955 8.00 38.27 42.03
N MET A 956 8.92 37.69 41.28
CA MET A 956 8.57 36.93 40.09
C MET A 956 9.53 35.77 39.85
N GLY A 957 9.00 34.54 39.91
CA GLY A 957 9.81 33.36 39.72
C GLY A 957 9.90 32.94 38.27
N ILE A 958 10.98 32.23 37.93
CA ILE A 958 11.20 31.74 36.57
C ILE A 958 12.25 30.63 36.54
N GLU A 959 11.88 29.49 35.95
CA GLU A 959 12.75 28.33 35.89
C GLU A 959 13.40 28.20 34.51
N GLN A 960 14.68 27.87 34.47
CA GLN A 960 15.36 27.72 33.19
C GLN A 960 16.44 26.64 33.19
N ILE A 961 16.62 25.98 32.06
CA ILE A 961 17.67 24.98 31.89
C ILE A 961 18.96 25.66 31.45
N VAL A 962 20.07 25.35 32.13
CA VAL A 962 21.34 26.02 31.86
C VAL A 962 22.38 25.11 31.20
N GLU A 963 22.59 23.93 31.76
CA GLU A 963 23.60 23.01 31.25
C GLU A 963 23.08 21.60 31.03
N ILE A 964 23.62 20.92 30.02
CA ILE A 964 23.24 19.54 29.73
C ILE A 964 24.32 18.57 30.21
N LEU A 965 24.03 17.87 31.30
CA LEU A 965 25.00 16.96 31.91
C LEU A 965 25.27 15.76 31.01
N ARG A 966 24.20 15.14 30.53
CA ARG A 966 24.31 13.97 29.66
C ARG A 966 23.24 14.01 28.57
N ASP A 967 23.68 13.84 27.32
CA ASP A 967 22.80 13.98 26.16
C ASP A 967 22.07 12.70 25.82
N GLY A 968 20.76 12.83 25.61
CA GLY A 968 19.92 11.70 25.27
C GLY A 968 19.07 11.95 24.04
N TRP A 969 17.81 12.29 24.26
CA TRP A 969 16.86 12.49 23.17
C TRP A 969 17.00 13.86 22.50
N ASN A 970 17.93 14.67 23.00
CA ASN A 970 18.16 16.00 22.44
C ASN A 970 18.83 15.96 21.07
N LEU A 971 19.22 14.76 20.65
CA LEU A 971 19.86 14.57 19.36
C LEU A 971 18.87 14.73 18.21
N PHE A 972 17.58 14.59 18.52
CA PHE A 972 16.55 14.68 17.50
C PHE A 972 15.70 15.95 17.65
N VAL A 973 15.15 16.14 18.84
CA VAL A 973 14.41 17.35 19.16
C VAL A 973 15.30 18.30 19.96
N PRO A 974 15.52 19.51 19.43
CA PRO A 974 16.45 20.48 20.03
C PRO A 974 16.05 20.94 21.43
N LEU A 975 16.95 20.77 22.39
CA LEU A 975 16.72 21.24 23.75
C LEU A 975 17.54 22.50 23.99
N THR A 976 16.85 23.63 24.17
CA THR A 976 17.52 24.92 24.30
C THR A 976 18.11 25.13 25.70
N VAL A 977 19.28 25.76 25.73
CA VAL A 977 19.95 26.07 26.99
C VAL A 977 20.07 27.58 27.19
N SER A 978 20.01 28.00 28.45
CA SER A 978 19.98 29.41 28.79
C SER A 978 21.22 29.81 29.59
N PRO A 979 21.68 31.06 29.44
CA PRO A 979 22.81 31.56 30.23
C PRO A 979 22.51 31.51 31.73
N ARG A 980 23.53 31.21 32.52
CA ARG A 980 23.36 31.02 33.96
C ARG A 980 22.94 32.30 34.67
N PHE A 981 22.42 32.14 35.89
CA PHE A 981 21.99 33.28 36.70
C PHE A 981 22.71 33.29 38.05
N GLU A 982 23.05 34.48 38.51
CA GLU A 982 23.76 34.63 39.78
C GLU A 982 22.84 35.25 40.83
N HIS A 983 23.37 35.44 42.04
CA HIS A 983 22.59 36.01 43.14
C HIS A 983 22.89 37.50 43.28
N ARG A 984 22.93 38.20 42.16
CA ARG A 984 23.23 39.63 42.17
C ARG A 984 22.15 40.46 41.48
N THR A 985 22.50 41.69 41.10
CA THR A 985 21.56 42.60 40.46
C THR A 985 21.98 42.88 39.03
N TYR A 986 21.01 42.94 38.13
CA TYR A 986 21.29 43.18 36.70
C TYR A 986 20.65 44.48 36.20
N LYS A 987 21.22 45.02 35.13
CA LYS A 987 20.73 46.26 34.53
C LYS A 987 19.83 45.97 33.33
N ILE A 988 18.75 46.74 33.21
CA ILE A 988 17.86 46.63 32.06
C ILE A 988 18.34 47.55 30.94
N LYS A 989 18.64 46.96 29.79
CA LYS A 989 19.16 47.73 28.65
C LYS A 989 18.07 48.52 27.93
N GLU A 990 17.07 47.83 27.40
CA GLU A 990 15.98 48.50 26.71
C GLU A 990 14.60 47.93 27.06
N LYS A 991 13.72 48.80 27.55
CA LYS A 991 12.36 48.41 27.88
C LYS A 991 11.47 48.63 26.67
N LYS A 992 10.69 47.61 26.31
CA LYS A 992 9.80 47.71 25.16
C LYS A 992 8.34 47.50 25.55
N PHE A 993 7.58 48.59 25.49
CA PHE A 993 6.20 48.58 25.98
C PHE A 993 5.18 48.25 24.90
N TYR A 994 4.28 47.32 25.23
CA TYR A 994 3.17 46.97 24.35
C TYR A 994 2.03 46.38 25.17
N LYS A 995 1.13 45.66 24.50
CA LYS A 995 0.02 45.01 25.19
C LYS A 995 -0.46 43.76 24.45
N LYS A 996 0.41 42.75 24.38
CA LYS A 996 0.05 41.47 23.79
C LYS A 996 -1.00 40.78 24.64
N HIS A 997 -2.05 40.30 23.97
CA HIS A 997 -3.21 39.74 24.64
C HIS A 997 -2.87 38.49 25.45
N THR A 998 -3.40 38.41 26.67
CA THR A 998 -3.15 37.27 27.55
C THR A 998 -3.73 35.99 26.97
N VAL A 999 -4.89 36.11 26.33
CA VAL A 999 -5.51 34.98 25.65
C VAL A 999 -5.52 35.23 24.14
N PRO A 1000 -4.50 34.72 23.44
CA PRO A 1000 -4.31 34.92 22.00
C PRO A 1000 -5.40 34.26 21.16
N LEU A 1001 -5.58 34.75 19.94
CA LEU A 1001 -6.59 34.24 19.03
C LEU A 1001 -6.30 32.80 18.60
N PHE A 1002 -7.29 32.16 17.99
CA PHE A 1002 -7.19 30.77 17.58
C PHE A 1002 -6.38 30.55 16.31
N THR A 1003 -5.66 29.45 16.26
CA THR A 1003 -5.06 28.96 15.03
C THR A 1003 -5.63 27.56 14.79
N GLN A 1004 -5.34 26.97 13.63
CA GLN A 1004 -5.87 25.65 13.31
C GLN A 1004 -5.36 24.60 14.29
N ALA A 1005 -4.06 24.64 14.54
CA ALA A 1005 -3.44 23.75 15.52
C ALA A 1005 -4.02 23.98 16.90
N SER A 1006 -4.42 25.22 17.17
CA SER A 1006 -5.05 25.56 18.45
C SER A 1006 -6.44 24.97 18.54
N ILE A 1007 -7.17 24.99 17.42
CA ILE A 1007 -8.51 24.41 17.36
C ILE A 1007 -8.45 22.91 17.58
N VAL A 1008 -7.54 22.24 16.88
CA VAL A 1008 -7.32 20.81 17.05
C VAL A 1008 -6.96 20.52 18.51
N GLU A 1009 -6.04 21.33 19.03
CA GLU A 1009 -5.58 21.22 20.42
C GLU A 1009 -6.75 21.28 21.38
N GLU A 1010 -7.70 22.18 21.10
CA GLU A 1010 -8.84 22.40 21.98
C GLU A 1010 -9.89 21.29 21.89
N MET A 1011 -10.32 20.95 20.69
CA MET A 1011 -11.32 19.90 20.53
C MET A 1011 -10.75 18.51 20.88
N LYS A 1012 -9.44 18.43 21.00
CA LYS A 1012 -8.81 17.27 21.61
C LYS A 1012 -8.88 17.40 23.13
N LYS A 1013 -8.56 18.60 23.61
CA LYS A 1013 -8.53 18.90 25.04
C LYS A 1013 -9.91 18.81 25.68
N ARG A 1014 -10.89 19.41 25.03
CA ARG A 1014 -12.25 19.47 25.57
C ARG A 1014 -13.06 18.22 25.25
N GLY A 1015 -12.42 17.29 24.55
CA GLY A 1015 -13.04 16.01 24.22
C GLY A 1015 -14.15 16.11 23.19
N ILE A 1016 -13.86 16.78 22.08
CA ILE A 1016 -14.85 16.94 21.01
C ILE A 1016 -14.36 16.33 19.70
N GLY A 1017 -14.97 15.21 19.31
CA GLY A 1017 -14.62 14.54 18.07
C GLY A 1017 -13.66 13.39 18.24
N ARG A 1018 -13.07 12.95 17.13
CA ARG A 1018 -12.13 11.84 17.13
C ARG A 1018 -11.22 11.94 15.90
N PRO A 1019 -9.99 11.40 15.99
CA PRO A 1019 -8.93 11.51 14.97
C PRO A 1019 -9.38 11.49 13.51
N SER A 1020 -10.46 10.78 13.21
CA SER A 1020 -10.93 10.66 11.84
C SER A 1020 -11.89 11.78 11.45
N THR A 1021 -11.88 12.87 12.22
CA THR A 1021 -12.83 13.96 11.99
C THR A 1021 -12.20 15.35 12.05
N TYR A 1022 -11.11 15.49 12.80
CA TYR A 1022 -10.51 16.79 13.12
C TYR A 1022 -10.35 17.74 11.92
N ALA A 1023 -9.41 17.40 11.03
CA ALA A 1023 -9.11 18.22 9.87
C ALA A 1023 -10.34 18.46 9.00
N LYS A 1024 -11.22 17.46 8.95
CA LYS A 1024 -12.48 17.58 8.24
C LYS A 1024 -13.33 18.69 8.84
N ILE A 1025 -13.56 18.61 10.16
CA ILE A 1025 -14.34 19.60 10.88
C ILE A 1025 -13.78 21.01 10.70
N VAL A 1026 -12.45 21.13 10.80
CA VAL A 1026 -11.82 22.43 10.64
C VAL A 1026 -12.01 22.98 9.22
N GLU A 1027 -11.84 22.11 8.22
CA GLU A 1027 -11.96 22.51 6.83
C GLU A 1027 -13.40 22.87 6.46
N VAL A 1028 -14.36 22.26 7.15
CA VAL A 1028 -15.77 22.53 6.93
C VAL A 1028 -16.10 24.01 7.11
N LEU A 1029 -15.47 24.62 8.11
CA LEU A 1029 -15.69 26.03 8.41
C LEU A 1029 -15.26 26.92 7.24
N PHE A 1030 -14.09 26.61 6.68
CA PHE A 1030 -13.57 27.36 5.53
C PHE A 1030 -14.43 27.12 4.29
N ARG A 1031 -14.85 25.88 4.09
CA ARG A 1031 -15.61 25.51 2.91
C ARG A 1031 -17.02 26.12 2.91
N ARG A 1032 -17.61 26.23 4.10
CA ARG A 1032 -18.93 26.83 4.25
C ARG A 1032 -18.86 28.35 4.16
N GLY A 1033 -17.73 28.91 4.58
CA GLY A 1033 -17.53 30.35 4.56
C GLY A 1033 -17.86 30.96 5.92
N TYR A 1034 -17.44 30.29 6.98
CA TYR A 1034 -17.72 30.74 8.34
C TYR A 1034 -16.45 31.27 9.01
N VAL A 1035 -15.32 31.16 8.32
CA VAL A 1035 -14.03 31.43 8.93
C VAL A 1035 -12.94 31.77 7.91
N TYR A 1036 -12.01 32.64 8.30
CA TYR A 1036 -10.89 33.01 7.42
C TYR A 1036 -9.58 33.11 8.19
N GLU A 1037 -8.46 33.08 7.46
CA GLU A 1037 -7.15 33.26 8.05
C GLU A 1037 -6.61 34.64 7.74
N ASP A 1038 -5.52 35.03 8.39
CA ASP A 1038 -4.97 36.37 8.20
C ASP A 1038 -3.45 36.39 8.01
N LYS A 1039 -2.81 37.47 8.43
CA LYS A 1039 -1.37 37.63 8.31
C LYS A 1039 -0.65 36.56 9.12
N TYR A 1040 -1.05 36.43 10.38
CA TYR A 1040 -0.46 35.45 11.29
C TYR A 1040 -1.08 34.07 11.09
N LYS A 1041 -1.91 33.95 10.05
CA LYS A 1041 -2.66 32.72 9.79
C LYS A 1041 -3.50 32.31 10.98
N ARG A 1042 -4.17 33.27 11.60
CA ARG A 1042 -5.05 33.03 12.73
C ARG A 1042 -6.50 32.88 12.26
N VAL A 1043 -7.23 31.99 12.92
CA VAL A 1043 -8.61 31.69 12.55
C VAL A 1043 -9.59 32.74 13.07
N ARG A 1044 -10.14 33.53 12.16
CA ARG A 1044 -11.13 34.55 12.51
C ARG A 1044 -12.46 34.28 11.82
N PRO A 1045 -13.57 34.46 12.56
CA PRO A 1045 -14.91 34.28 12.00
C PRO A 1045 -15.34 35.48 11.16
N THR A 1046 -16.01 35.22 10.05
CA THR A 1046 -16.51 36.29 9.17
C THR A 1046 -17.81 36.85 9.73
N ARG A 1047 -18.36 37.83 9.03
CA ARG A 1047 -19.66 38.40 9.41
C ARG A 1047 -20.72 37.31 9.41
N PHE A 1048 -20.72 36.51 8.35
CA PHE A 1048 -21.71 35.46 8.16
C PHE A 1048 -21.68 34.44 9.31
N GLY A 1049 -20.49 33.94 9.62
CA GLY A 1049 -20.34 32.97 10.69
C GLY A 1049 -20.79 33.49 12.04
N VAL A 1050 -20.41 34.71 12.36
CA VAL A 1050 -20.81 35.35 13.61
C VAL A 1050 -22.33 35.50 13.67
N MET A 1051 -22.93 35.92 12.57
CA MET A 1051 -24.39 36.03 12.50
C MET A 1051 -25.06 34.68 12.75
N VAL A 1052 -24.57 33.66 12.07
CA VAL A 1052 -25.10 32.31 12.19
C VAL A 1052 -25.03 31.78 13.62
N TYR A 1053 -23.84 31.82 14.21
CA TYR A 1053 -23.68 31.32 15.57
C TYR A 1053 -24.44 32.16 16.60
N SER A 1054 -24.56 33.46 16.35
CA SER A 1054 -25.33 34.33 17.24
C SER A 1054 -26.80 33.92 17.21
N TYR A 1055 -27.31 33.69 16.01
CA TYR A 1055 -28.69 33.24 15.83
C TYR A 1055 -28.92 31.90 16.52
N LEU A 1056 -28.04 30.93 16.26
CA LEU A 1056 -28.15 29.61 16.86
C LEU A 1056 -28.06 29.67 18.39
N LYS A 1057 -27.26 30.60 18.88
CA LYS A 1057 -27.07 30.76 20.32
C LYS A 1057 -28.32 31.36 20.96
N GLU A 1058 -28.91 32.33 20.28
CA GLU A 1058 -30.13 32.97 20.78
C GLU A 1058 -31.34 32.05 20.71
N ARG A 1059 -31.34 31.12 19.77
CA ARG A 1059 -32.46 30.20 19.64
C ARG A 1059 -32.19 28.80 20.20
N TYR A 1060 -31.32 28.04 19.53
CA TYR A 1060 -31.09 26.65 19.90
C TYR A 1060 -29.70 26.44 20.48
N GLU A 1061 -29.57 26.59 21.80
CA GLU A 1061 -28.28 26.47 22.47
C GLU A 1061 -28.09 25.08 23.09
N LYS A 1062 -29.19 24.47 23.52
CA LYS A 1062 -29.13 23.16 24.19
C LYS A 1062 -28.58 22.07 23.28
N TYR A 1063 -28.70 22.27 21.96
CA TYR A 1063 -28.23 21.28 21.00
C TYR A 1063 -26.82 21.58 20.51
N VAL A 1064 -26.27 22.72 20.93
CA VAL A 1064 -24.96 23.15 20.47
C VAL A 1064 -23.94 23.15 21.60
N THR A 1065 -24.42 23.36 22.82
CA THR A 1065 -23.58 23.46 24.01
C THR A 1065 -22.60 22.30 24.16
N GLU A 1066 -21.34 22.63 24.50
CA GLU A 1066 -20.26 21.66 24.64
C GLU A 1066 -20.60 20.49 25.56
N GLU A 1067 -21.27 20.80 26.67
CA GLU A 1067 -21.61 19.79 27.68
C GLU A 1067 -22.51 18.68 27.12
N THR A 1068 -23.20 18.97 26.03
CA THR A 1068 -24.04 17.97 25.36
C THR A 1068 -23.26 17.24 24.29
N THR A 1069 -22.38 17.96 23.59
CA THR A 1069 -21.57 17.39 22.53
C THR A 1069 -20.61 16.33 23.06
N ARG A 1070 -19.88 16.68 24.12
CA ARG A 1070 -18.94 15.75 24.76
C ARG A 1070 -19.68 14.52 25.27
N ARG A 1071 -20.89 14.75 25.80
CA ARG A 1071 -21.75 13.68 26.29
C ARG A 1071 -22.10 12.71 25.17
N LEU A 1072 -22.59 13.24 24.06
CA LEU A 1072 -22.95 12.41 22.90
C LEU A 1072 -21.76 11.64 22.35
N GLU A 1073 -20.62 12.31 22.20
CA GLU A 1073 -19.41 11.68 21.73
C GLU A 1073 -18.99 10.53 22.64
N GLU A 1074 -19.06 10.77 23.95
CA GLU A 1074 -18.73 9.77 24.94
C GLU A 1074 -19.64 8.56 24.82
N ILE A 1075 -20.94 8.81 24.69
CA ILE A 1075 -21.93 7.74 24.55
C ILE A 1075 -21.71 6.91 23.29
N MET A 1076 -21.41 7.57 22.18
CA MET A 1076 -21.15 6.88 20.92
C MET A 1076 -19.88 6.05 21.00
N ASP A 1077 -18.88 6.57 21.69
CA ASP A 1077 -17.65 5.82 21.91
C ASP A 1077 -17.90 4.64 22.84
N LYS A 1078 -18.95 4.74 23.66
CA LYS A 1078 -19.37 3.61 24.47
C LYS A 1078 -20.09 2.58 23.62
N VAL A 1079 -20.78 3.04 22.58
CA VAL A 1079 -21.42 2.14 21.63
C VAL A 1079 -20.34 1.39 20.84
N GLU A 1080 -19.23 2.07 20.60
CA GLU A 1080 -18.11 1.49 19.85
C GLU A 1080 -17.51 0.26 20.53
N ARG A 1081 -17.66 0.17 21.85
CA ARG A 1081 -17.11 -0.95 22.60
C ARG A 1081 -18.18 -1.95 23.04
N GLY A 1082 -19.44 -1.64 22.77
CA GLY A 1082 -20.54 -2.49 23.19
C GLY A 1082 -20.88 -2.32 24.65
N GLU A 1083 -21.01 -1.07 25.07
CA GLU A 1083 -21.31 -0.75 26.45
C GLU A 1083 -22.54 0.14 26.53
N GLU A 1084 -23.08 0.49 25.37
CA GLU A 1084 -24.28 1.30 25.27
C GLU A 1084 -25.12 0.82 24.09
N ASP A 1085 -26.44 0.83 24.24
CA ASP A 1085 -27.32 0.25 23.24
C ASP A 1085 -27.40 1.11 21.97
N TYR A 1086 -27.56 0.42 20.85
CA TYR A 1086 -27.59 1.04 19.52
C TYR A 1086 -28.95 1.69 19.25
N GLN A 1087 -29.98 0.85 19.18
CA GLN A 1087 -31.34 1.32 18.92
C GLN A 1087 -31.81 2.34 19.96
N ALA A 1088 -31.34 2.19 21.20
CA ALA A 1088 -31.72 3.11 22.27
C ALA A 1088 -31.17 4.50 22.04
N THR A 1089 -29.88 4.60 21.75
CA THR A 1089 -29.26 5.89 21.45
C THR A 1089 -29.88 6.51 20.20
N LEU A 1090 -30.24 5.65 19.25
CA LEU A 1090 -30.97 6.11 18.07
C LEU A 1090 -32.30 6.74 18.48
N ARG A 1091 -32.96 6.12 19.45
CA ARG A 1091 -34.23 6.63 19.99
C ARG A 1091 -34.03 7.97 20.69
N LEU A 1092 -32.92 8.11 21.41
CA LEU A 1092 -32.58 9.36 22.08
C LEU A 1092 -32.40 10.49 21.06
N LEU A 1093 -31.57 10.23 20.05
CA LEU A 1093 -31.34 11.17 18.97
C LEU A 1093 -32.67 11.57 18.33
N TYR A 1094 -33.51 10.58 18.03
CA TYR A 1094 -34.83 10.84 17.47
C TYR A 1094 -35.67 11.72 18.38
N GLU A 1095 -35.52 11.55 19.69
CA GLU A 1095 -36.30 12.32 20.65
C GLU A 1095 -35.88 13.79 20.67
N GLU A 1096 -34.59 14.05 20.83
CA GLU A 1096 -34.12 15.44 20.85
C GLU A 1096 -34.32 16.13 19.49
N ILE A 1097 -34.27 15.34 18.41
CA ILE A 1097 -34.59 15.85 17.09
C ILE A 1097 -36.07 16.22 17.01
N LYS A 1098 -36.90 15.38 17.60
CA LYS A 1098 -38.34 15.61 17.65
C LYS A 1098 -38.65 16.88 18.44
N SER A 1099 -37.82 17.16 19.44
CA SER A 1099 -37.95 18.38 20.22
C SER A 1099 -37.50 19.61 19.43
N LEU A 1100 -36.38 19.48 18.74
CA LEU A 1100 -35.79 20.60 18.00
C LEU A 1100 -36.62 21.02 16.78
N MET A 1101 -37.17 20.03 16.07
CA MET A 1101 -37.89 20.27 14.82
C MET A 1101 -39.07 21.21 14.98
N GLU A 1102 -39.66 21.22 16.17
CA GLU A 1102 -40.87 21.99 16.42
C GLU A 1102 -40.58 23.40 16.95
N GLU A 1103 -39.82 24.17 16.18
CA GLU A 1103 -39.49 25.55 16.54
C GLU A 1103 -39.53 26.46 15.32
#